data_2KI0
#
_entry.id   2KI0
#
_entity_poly.entity_id   1
_entity_poly.type   'polypeptide(L)'
_entity_poly.pdbx_seq_one_letter_code
;GSGQVRTIWVGGTPEELKKLKEEAKKANIRVTFWGD
;
_entity_poly.pdbx_strand_id   A
#
# COMPACT_ATOMS: atom_id res chain seq x y z
N GLY A 1 -3.79 -13.27 -12.47
CA GLY A 1 -2.98 -12.58 -13.49
C GLY A 1 -2.16 -11.46 -12.85
N SER A 2 -0.83 -11.63 -12.82
CA SER A 2 0.11 -10.63 -12.29
C SER A 2 0.03 -9.31 -13.08
N GLY A 3 0.39 -8.21 -12.43
CA GLY A 3 0.40 -6.87 -13.00
C GLY A 3 0.89 -5.87 -11.96
N GLN A 4 0.94 -4.59 -12.33
CA GLN A 4 1.32 -3.52 -11.40
C GLN A 4 0.28 -3.45 -10.28
N VAL A 5 -1.01 -3.28 -10.63
CA VAL A 5 -2.06 -3.09 -9.64
C VAL A 5 -2.19 -4.35 -8.78
N ARG A 6 -2.33 -4.13 -7.48
CA ARG A 6 -2.35 -5.12 -6.40
C ARG A 6 -3.04 -4.47 -5.21
N THR A 7 -3.23 -5.22 -4.13
CA THR A 7 -3.94 -4.78 -2.93
C THR A 7 -3.17 -5.34 -1.73
N ILE A 8 -3.33 -4.67 -0.59
CA ILE A 8 -2.59 -4.93 0.65
C ILE A 8 -3.58 -5.28 1.77
N TRP A 9 -3.09 -5.80 2.90
CA TRP A 9 -3.90 -6.07 4.09
C TRP A 9 -3.04 -5.85 5.35
N VAL A 10 -2.25 -4.78 5.37
CA VAL A 10 -1.34 -4.50 6.48
C VAL A 10 -2.13 -3.98 7.69
N GLY A 11 -1.60 -4.27 8.88
CA GLY A 11 -2.17 -3.84 10.16
C GLY A 11 -1.67 -2.47 10.59
N GLY A 12 -1.41 -1.57 9.63
CA GLY A 12 -1.05 -0.18 9.89
C GLY A 12 0.25 -0.05 10.67
N THR A 13 1.26 -0.89 10.39
CA THR A 13 2.59 -0.75 10.95
C THR A 13 3.15 0.60 10.45
N PRO A 14 3.80 1.43 11.28
CA PRO A 14 4.39 2.69 10.84
C PRO A 14 5.29 2.55 9.61
N GLU A 15 5.99 1.42 9.48
CA GLU A 15 6.91 1.18 8.38
C GLU A 15 6.13 0.92 7.09
N GLU A 16 5.02 0.18 7.18
CA GLU A 16 4.21 -0.19 6.03
C GLU A 16 3.37 1.03 5.60
N LEU A 17 2.90 1.81 6.58
CA LEU A 17 2.26 3.11 6.35
C LEU A 17 3.21 4.08 5.63
N LYS A 18 4.53 3.92 5.77
CA LYS A 18 5.49 4.73 5.03
C LYS A 18 5.70 4.11 3.65
N LYS A 19 6.25 2.88 3.59
CA LYS A 19 6.69 2.28 2.34
C LYS A 19 5.54 2.10 1.36
N LEU A 20 4.43 1.53 1.81
CA LEU A 20 3.35 1.16 0.89
C LEU A 20 2.58 2.40 0.46
N LYS A 21 2.49 3.44 1.31
CA LYS A 21 1.95 4.73 0.86
C LYS A 21 2.84 5.33 -0.21
N GLU A 22 4.17 5.19 -0.10
CA GLU A 22 5.08 5.64 -1.15
C GLU A 22 4.80 4.87 -2.44
N GLU A 23 4.58 3.56 -2.38
CA GLU A 23 4.23 2.76 -3.56
C GLU A 23 2.88 3.21 -4.14
N ALA A 24 1.90 3.54 -3.30
CA ALA A 24 0.61 4.06 -3.76
C ALA A 24 0.82 5.36 -4.54
N LYS A 25 1.62 6.27 -4.01
CA LYS A 25 1.95 7.53 -4.67
C LYS A 25 2.77 7.28 -5.94
N LYS A 26 3.69 6.31 -5.92
CA LYS A 26 4.66 6.14 -7.00
C LYS A 26 4.08 5.34 -8.18
N ALA A 27 3.19 4.39 -7.92
CA ALA A 27 2.72 3.42 -8.91
C ALA A 27 1.19 3.35 -9.00
N ASN A 28 0.45 4.22 -8.29
CA ASN A 28 -1.02 4.31 -8.27
C ASN A 28 -1.73 3.07 -7.70
N ILE A 29 -0.97 2.10 -7.21
CA ILE A 29 -1.51 0.81 -6.75
C ILE A 29 -2.41 0.98 -5.53
N ARG A 30 -3.34 0.03 -5.30
CA ARG A 30 -4.29 0.14 -4.20
C ARG A 30 -3.54 -0.06 -2.89
N VAL A 31 -3.95 0.67 -1.86
CA VAL A 31 -3.52 0.45 -0.49
C VAL A 31 -4.73 0.69 0.42
N THR A 32 -4.83 -0.14 1.46
CA THR A 32 -5.84 -0.04 2.51
C THR A 32 -5.13 -0.48 3.78
N PHE A 33 -5.24 0.31 4.85
CA PHE A 33 -4.44 0.15 6.06
C PHE A 33 -5.41 -0.08 7.22
N TRP A 34 -5.44 -1.30 7.77
CA TRP A 34 -6.33 -1.64 8.88
C TRP A 34 -5.68 -1.27 10.21
N GLY A 35 -6.49 -0.90 11.20
CA GLY A 35 -6.08 -0.72 12.58
C GLY A 35 -6.15 -2.06 13.32
N ASP A 36 -5.64 -3.12 12.68
CA ASP A 36 -5.74 -4.51 13.14
C ASP A 36 -5.12 -4.67 14.53
N GLY A 1 -4.96 -12.93 -12.67
CA GLY A 1 -4.00 -12.35 -13.62
C GLY A 1 -3.03 -11.40 -12.93
N SER A 2 -1.75 -11.77 -12.86
CA SER A 2 -0.69 -10.96 -12.28
C SER A 2 -0.55 -9.61 -13.00
N GLY A 3 -0.02 -8.60 -12.31
CA GLY A 3 0.21 -7.26 -12.83
C GLY A 3 0.82 -6.38 -11.75
N GLN A 4 1.06 -5.11 -12.08
CA GLN A 4 1.60 -4.12 -11.14
C GLN A 4 0.59 -3.83 -10.02
N VAL A 5 -0.70 -3.77 -10.37
CA VAL A 5 -1.79 -3.52 -9.42
C VAL A 5 -1.86 -4.68 -8.43
N ARG A 6 -2.13 -4.36 -7.17
CA ARG A 6 -2.13 -5.31 -6.06
C ARG A 6 -3.14 -4.87 -5.00
N THR A 7 -3.26 -5.66 -3.93
CA THR A 7 -4.00 -5.34 -2.72
C THR A 7 -3.07 -5.69 -1.56
N ILE A 8 -3.28 -5.01 -0.43
CA ILE A 8 -2.46 -5.08 0.77
C ILE A 8 -3.39 -5.40 1.96
N TRP A 9 -2.82 -5.71 3.14
CA TRP A 9 -3.60 -5.90 4.36
C TRP A 9 -2.80 -5.46 5.59
N VAL A 10 -1.98 -4.40 5.45
CA VAL A 10 -1.25 -3.87 6.59
C VAL A 10 -2.19 -3.08 7.50
N GLY A 11 -1.77 -2.93 8.75
CA GLY A 11 -2.39 -2.07 9.74
C GLY A 11 -1.46 -1.98 10.95
N GLY A 12 -1.55 -0.89 11.71
CA GLY A 12 -0.76 -0.67 12.93
C GLY A 12 0.76 -0.83 12.73
N THR A 13 1.27 -0.58 11.52
CA THR A 13 2.65 -0.88 11.12
C THR A 13 3.15 0.30 10.28
N PRO A 14 3.48 1.45 10.91
CA PRO A 14 3.92 2.64 10.20
C PRO A 14 5.19 2.37 9.38
N GLU A 15 6.01 1.41 9.82
CA GLU A 15 7.27 1.05 9.19
C GLU A 15 7.08 0.50 7.76
N GLU A 16 5.86 0.09 7.40
CA GLU A 16 5.56 -0.51 6.11
C GLU A 16 4.40 0.19 5.42
N LEU A 17 3.40 0.69 6.17
CA LEU A 17 2.34 1.50 5.57
C LEU A 17 2.93 2.79 5.00
N LYS A 18 4.07 3.28 5.51
CA LYS A 18 4.72 4.45 4.89
C LYS A 18 5.28 4.09 3.51
N LYS A 19 5.92 2.93 3.35
CA LYS A 19 6.45 2.55 2.03
C LYS A 19 5.33 2.10 1.09
N LEU A 20 4.24 1.52 1.61
CA LEU A 20 3.09 1.21 0.76
C LEU A 20 2.35 2.51 0.39
N LYS A 21 2.29 3.51 1.28
CA LYS A 21 1.81 4.85 0.89
C LYS A 21 2.70 5.42 -0.22
N GLU A 22 4.02 5.31 -0.08
CA GLU A 22 4.98 5.77 -1.07
C GLU A 22 4.71 5.06 -2.41
N GLU A 23 4.51 3.75 -2.42
CA GLU A 23 4.16 2.99 -3.63
C GLU A 23 2.85 3.49 -4.23
N ALA A 24 1.84 3.79 -3.41
CA ALA A 24 0.55 4.33 -3.85
C ALA A 24 0.63 5.78 -4.37
N LYS A 25 1.81 6.40 -4.31
CA LYS A 25 2.09 7.73 -4.85
C LYS A 25 3.14 7.64 -5.97
N LYS A 26 3.99 6.62 -5.93
CA LYS A 26 4.96 6.30 -6.99
C LYS A 26 4.22 5.74 -8.21
N ALA A 27 3.22 4.89 -7.96
CA ALA A 27 2.37 4.26 -8.95
C ALA A 27 0.91 4.39 -8.51
N ASN A 28 0.01 4.08 -9.43
CA ASN A 28 -1.45 4.23 -9.25
C ASN A 28 -2.08 3.09 -8.42
N ILE A 29 -1.27 2.17 -7.90
CA ILE A 29 -1.73 0.93 -7.28
C ILE A 29 -2.66 1.18 -6.08
N ARG A 30 -3.55 0.22 -5.84
CA ARG A 30 -4.49 0.23 -4.72
C ARG A 30 -3.74 -0.10 -3.43
N VAL A 31 -4.15 0.53 -2.33
CA VAL A 31 -3.74 0.22 -0.97
C VAL A 31 -4.95 0.44 -0.07
N THR A 32 -4.99 -0.26 1.05
CA THR A 32 -5.98 -0.09 2.11
C THR A 32 -5.29 -0.37 3.44
N PHE A 33 -5.63 0.40 4.47
CA PHE A 33 -4.92 0.41 5.74
C PHE A 33 -5.92 0.21 6.86
N TRP A 34 -5.87 -0.93 7.54
CA TRP A 34 -6.77 -1.25 8.64
C TRP A 34 -6.22 -0.71 9.96
N GLY A 35 -7.11 -0.48 10.93
CA GLY A 35 -6.78 -0.16 12.31
C GLY A 35 -6.50 -1.46 13.08
N ASP A 36 -5.67 -2.34 12.51
CA ASP A 36 -5.38 -3.67 13.03
C ASP A 36 -4.87 -3.62 14.46
N GLY A 1 1.00 -11.88 -14.13
CA GLY A 1 0.57 -10.63 -13.47
C GLY A 1 -0.32 -9.80 -14.39
N SER A 2 -1.60 -9.66 -14.05
CA SER A 2 -2.60 -8.95 -14.85
C SER A 2 -2.29 -7.45 -15.02
N GLY A 3 -1.55 -6.86 -14.08
CA GLY A 3 -1.15 -5.46 -14.10
C GLY A 3 -0.28 -5.15 -12.89
N GLN A 4 0.15 -3.89 -12.75
CA GLN A 4 0.99 -3.42 -11.65
C GLN A 4 0.21 -3.40 -10.32
N VAL A 5 -1.12 -3.41 -10.34
CA VAL A 5 -1.95 -3.35 -9.14
C VAL A 5 -1.64 -4.55 -8.24
N ARG A 6 -1.66 -4.31 -6.94
CA ARG A 6 -1.60 -5.30 -5.86
C ARG A 6 -2.63 -4.88 -4.80
N THR A 7 -2.77 -5.64 -3.73
CA THR A 7 -3.66 -5.40 -2.61
C THR A 7 -2.89 -5.78 -1.35
N ILE A 8 -3.25 -5.15 -0.24
CA ILE A 8 -2.53 -5.20 1.03
C ILE A 8 -3.52 -5.55 2.14
N TRP A 9 -3.03 -5.83 3.36
CA TRP A 9 -3.88 -6.11 4.52
C TRP A 9 -3.15 -5.70 5.83
N VAL A 10 -2.43 -4.57 5.77
CA VAL A 10 -1.64 -4.08 6.90
C VAL A 10 -2.55 -3.59 8.04
N GLY A 11 -2.02 -3.66 9.26
CA GLY A 11 -2.71 -3.28 10.49
C GLY A 11 -1.69 -2.97 11.60
N GLY A 12 -0.60 -2.30 11.25
CA GLY A 12 0.53 -2.00 12.12
C GLY A 12 1.74 -1.63 11.27
N THR A 13 2.91 -1.51 11.89
CA THR A 13 4.19 -1.23 11.23
C THR A 13 4.10 0.10 10.46
N PRO A 14 4.11 1.26 11.13
CA PRO A 14 3.98 2.56 10.47
C PRO A 14 5.07 2.81 9.43
N GLU A 15 6.23 2.15 9.55
CA GLU A 15 7.27 2.20 8.54
C GLU A 15 6.75 1.60 7.21
N GLU A 16 6.04 0.48 7.28
CA GLU A 16 5.49 -0.18 6.13
C GLU A 16 4.27 0.58 5.63
N LEU A 17 3.49 1.24 6.49
CA LEU A 17 2.40 2.12 6.06
C LEU A 17 2.99 3.25 5.20
N LYS A 18 4.12 3.83 5.63
CA LYS A 18 4.80 4.87 4.86
C LYS A 18 5.31 4.29 3.54
N LYS A 19 5.97 3.13 3.55
CA LYS A 19 6.51 2.53 2.32
C LYS A 19 5.39 2.17 1.35
N LEU A 20 4.30 1.55 1.82
CA LEU A 20 3.17 1.21 0.98
C LEU A 20 2.47 2.47 0.49
N LYS A 21 2.37 3.52 1.32
CA LYS A 21 1.86 4.81 0.85
C LYS A 21 2.75 5.37 -0.26
N GLU A 22 4.07 5.25 -0.15
CA GLU A 22 4.99 5.69 -1.18
C GLU A 22 4.78 4.88 -2.47
N GLU A 23 4.56 3.57 -2.39
CA GLU A 23 4.23 2.76 -3.56
C GLU A 23 2.92 3.21 -4.20
N ALA A 24 1.89 3.54 -3.40
CA ALA A 24 0.64 4.06 -3.92
C ALA A 24 0.86 5.38 -4.66
N LYS A 25 1.66 6.28 -4.08
CA LYS A 25 2.00 7.55 -4.71
C LYS A 25 2.85 7.34 -5.96
N LYS A 26 3.74 6.34 -5.96
CA LYS A 26 4.71 6.15 -7.04
C LYS A 26 4.09 5.43 -8.24
N ALA A 27 3.25 4.43 -8.00
CA ALA A 27 2.75 3.52 -9.04
C ALA A 27 1.23 3.61 -9.22
N ASN A 28 0.54 4.52 -8.51
CA ASN A 28 -0.92 4.74 -8.52
C ASN A 28 -1.72 3.57 -7.94
N ILE A 29 -1.06 2.51 -7.48
CA ILE A 29 -1.69 1.29 -7.01
C ILE A 29 -2.58 1.55 -5.78
N ARG A 30 -3.67 0.80 -5.65
CA ARG A 30 -4.61 0.97 -4.53
C ARG A 30 -4.03 0.30 -3.30
N VAL A 31 -4.08 0.99 -2.16
CA VAL A 31 -3.69 0.48 -0.85
C VAL A 31 -4.91 0.57 0.07
N THR A 32 -4.93 -0.28 1.10
CA THR A 32 -6.08 -0.49 1.96
C THR A 32 -5.58 -0.58 3.40
N PHE A 33 -5.58 0.56 4.09
CA PHE A 33 -5.05 0.70 5.44
C PHE A 33 -6.20 0.48 6.43
N TRP A 34 -6.35 -0.76 6.92
CA TRP A 34 -7.32 -1.05 7.98
C TRP A 34 -6.91 -0.37 9.27
N GLY A 35 -5.63 -0.49 9.64
CA GLY A 35 -5.12 -0.10 10.94
C GLY A 35 -5.49 -1.17 11.99
N ASP A 36 -6.76 -1.56 12.03
CA ASP A 36 -7.30 -2.70 12.77
C ASP A 36 -8.65 -3.06 12.17
N GLY A 1 0.10 -13.19 -16.42
CA GLY A 1 -0.37 -11.80 -16.23
C GLY A 1 -0.11 -11.33 -14.80
N SER A 2 0.85 -10.43 -14.62
CA SER A 2 1.28 -9.90 -13.33
C SER A 2 1.65 -8.42 -13.49
N GLY A 3 1.76 -7.69 -12.37
CA GLY A 3 2.13 -6.28 -12.34
C GLY A 3 2.21 -5.79 -10.89
N GLN A 4 2.59 -4.53 -10.71
CA GLN A 4 2.73 -3.92 -9.39
C GLN A 4 1.36 -3.75 -8.70
N VAL A 5 0.29 -3.59 -9.48
CA VAL A 5 -1.08 -3.42 -8.98
C VAL A 5 -1.46 -4.69 -8.19
N ARG A 6 -1.86 -4.50 -6.94
CA ARG A 6 -2.20 -5.57 -6.01
C ARG A 6 -3.06 -4.99 -4.88
N THR A 7 -3.44 -5.82 -3.92
CA THR A 7 -4.11 -5.39 -2.69
C THR A 7 -3.17 -5.72 -1.53
N ILE A 8 -3.33 -4.97 -0.44
CA ILE A 8 -2.44 -4.99 0.72
C ILE A 8 -3.24 -5.38 1.97
N TRP A 9 -2.57 -5.54 3.12
CA TRP A 9 -3.22 -5.83 4.39
C TRP A 9 -2.36 -5.27 5.52
N VAL A 10 -2.27 -3.95 5.61
CA VAL A 10 -1.52 -3.26 6.66
C VAL A 10 -2.47 -2.31 7.41
N GLY A 11 -2.01 -1.84 8.56
CA GLY A 11 -2.80 -0.94 9.41
C GLY A 11 -1.99 -0.32 10.56
N GLY A 12 -0.92 -0.99 11.00
CA GLY A 12 -0.06 -0.52 12.08
C GLY A 12 1.32 -1.18 12.01
N THR A 13 1.85 -1.37 10.80
CA THR A 13 3.17 -1.93 10.57
C THR A 13 4.26 -0.95 11.06
N PRO A 14 5.49 -1.42 11.33
CA PRO A 14 6.59 -0.55 11.76
C PRO A 14 6.83 0.63 10.82
N GLU A 15 6.77 0.38 9.51
CA GLU A 15 6.99 1.38 8.47
C GLU A 15 6.42 0.95 7.10
N GLU A 16 5.76 -0.20 6.98
CA GLU A 16 5.31 -0.67 5.66
C GLU A 16 4.17 0.22 5.15
N LEU A 17 3.40 0.83 6.05
CA LEU A 17 2.43 1.89 5.76
C LEU A 17 3.10 2.98 4.93
N LYS A 18 4.36 3.34 5.24
CA LYS A 18 5.04 4.41 4.52
C LYS A 18 5.38 3.97 3.11
N LYS A 19 5.91 2.75 2.96
CA LYS A 19 6.31 2.23 1.65
C LYS A 19 5.08 2.09 0.76
N LEU A 20 4.01 1.52 1.29
CA LEU A 20 2.80 1.24 0.52
C LEU A 20 2.05 2.55 0.25
N LYS A 21 2.00 3.49 1.20
CA LYS A 21 1.47 4.83 0.91
C LYS A 21 2.29 5.51 -0.20
N GLU A 22 3.61 5.38 -0.20
CA GLU A 22 4.42 5.94 -1.28
C GLU A 22 4.07 5.26 -2.61
N GLU A 23 3.91 3.94 -2.67
CA GLU A 23 3.52 3.24 -3.89
C GLU A 23 2.15 3.71 -4.40
N ALA A 24 1.21 4.05 -3.51
CA ALA A 24 -0.07 4.63 -3.91
C ALA A 24 0.11 5.97 -4.63
N LYS A 25 1.23 6.66 -4.40
CA LYS A 25 1.53 7.97 -4.98
C LYS A 25 2.58 7.86 -6.10
N LYS A 26 3.37 6.78 -6.16
CA LYS A 26 4.49 6.66 -7.10
C LYS A 26 4.22 5.61 -8.19
N ALA A 27 3.30 4.68 -7.95
CA ALA A 27 2.90 3.62 -8.87
C ALA A 27 1.37 3.56 -9.03
N ASN A 28 0.61 4.43 -8.34
CA ASN A 28 -0.85 4.56 -8.39
C ASN A 28 -1.61 3.33 -7.89
N ILE A 29 -0.91 2.32 -7.34
CA ILE A 29 -1.52 1.04 -6.99
C ILE A 29 -2.58 1.19 -5.89
N ARG A 30 -3.51 0.22 -5.82
CA ARG A 30 -4.54 0.22 -4.78
C ARG A 30 -3.89 -0.04 -3.43
N VAL A 31 -4.38 0.63 -2.39
CA VAL A 31 -3.98 0.42 -1.02
C VAL A 31 -5.24 0.43 -0.14
N THR A 32 -5.18 -0.27 0.97
CA THR A 32 -6.28 -0.41 1.91
C THR A 32 -5.65 -0.51 3.31
N PHE A 33 -6.14 0.27 4.26
CA PHE A 33 -5.50 0.44 5.56
C PHE A 33 -6.52 0.12 6.65
N TRP A 34 -6.28 -0.97 7.37
CA TRP A 34 -7.12 -1.42 8.47
C TRP A 34 -6.83 -0.60 9.73
N GLY A 35 -7.79 -0.58 10.66
CA GLY A 35 -7.62 -0.04 12.01
C GLY A 35 -6.97 -1.08 12.91
N ASP A 36 -5.88 -1.69 12.43
CA ASP A 36 -5.19 -2.80 13.08
C ASP A 36 -4.74 -2.42 14.50
N GLY A 1 -1.53 -8.34 -17.37
CA GLY A 1 -1.12 -7.48 -16.24
C GLY A 1 -1.22 -6.01 -16.60
N SER A 2 -2.16 -5.29 -15.99
CA SER A 2 -2.37 -3.85 -16.21
C SER A 2 -1.19 -3.00 -15.72
N GLY A 3 -0.48 -3.47 -14.68
CA GLY A 3 0.65 -2.80 -14.07
C GLY A 3 1.06 -3.55 -12.80
N GLN A 4 1.92 -2.94 -11.99
CA GLN A 4 2.41 -3.48 -10.71
C GLN A 4 1.34 -3.51 -9.59
N VAL A 5 0.06 -3.56 -9.94
CA VAL A 5 -1.09 -3.47 -9.04
C VAL A 5 -1.05 -4.64 -8.04
N ARG A 6 -1.54 -4.35 -6.84
CA ARG A 6 -1.53 -5.22 -5.67
C ARG A 6 -2.72 -4.88 -4.79
N THR A 7 -2.91 -5.66 -3.73
CA THR A 7 -3.85 -5.40 -2.65
C THR A 7 -3.09 -5.73 -1.37
N ILE A 8 -3.40 -5.01 -0.30
CA ILE A 8 -2.63 -5.05 0.95
C ILE A 8 -3.59 -5.34 2.11
N TRP A 9 -3.04 -5.74 3.26
CA TRP A 9 -3.81 -5.99 4.47
C TRP A 9 -2.93 -5.68 5.70
N VAL A 10 -2.15 -4.60 5.63
CA VAL A 10 -1.32 -4.17 6.76
C VAL A 10 -2.25 -3.72 7.90
N GLY A 11 -1.97 -4.19 9.11
CA GLY A 11 -2.63 -3.71 10.31
C GLY A 11 -2.30 -2.24 10.52
N GLY A 12 -1.01 -1.90 10.53
CA GLY A 12 -0.56 -0.51 10.66
C GLY A 12 0.88 -0.39 11.12
N THR A 13 1.80 -1.22 10.61
CA THR A 13 3.22 -1.13 10.92
C THR A 13 3.70 0.19 10.32
N PRO A 14 4.30 1.12 11.08
CA PRO A 14 4.74 2.40 10.53
C PRO A 14 5.60 2.26 9.28
N GLU A 15 6.42 1.21 9.21
CA GLU A 15 7.35 1.03 8.11
C GLU A 15 6.61 0.59 6.84
N GLU A 16 5.56 -0.23 7.00
CA GLU A 16 4.81 -0.75 5.88
C GLU A 16 3.81 0.31 5.40
N LEU A 17 3.24 1.08 6.34
CA LEU A 17 2.45 2.26 6.01
C LEU A 17 3.31 3.20 5.17
N LYS A 18 4.60 3.38 5.52
CA LYS A 18 5.48 4.28 4.78
C LYS A 18 5.73 3.71 3.38
N LYS A 19 6.22 2.48 3.26
CA LYS A 19 6.57 1.91 1.97
C LYS A 19 5.36 1.80 1.06
N LEU A 20 4.23 1.31 1.57
CA LEU A 20 3.05 1.07 0.74
C LEU A 20 2.38 2.39 0.39
N LYS A 21 2.36 3.39 1.28
CA LYS A 21 1.92 4.73 0.88
C LYS A 21 2.82 5.29 -0.21
N GLU A 22 4.13 5.08 -0.12
CA GLU A 22 5.05 5.55 -1.16
C GLU A 22 4.75 4.87 -2.49
N GLU A 23 4.41 3.57 -2.52
CA GLU A 23 3.96 2.91 -3.74
C GLU A 23 2.65 3.49 -4.24
N ALA A 24 1.69 3.82 -3.36
CA ALA A 24 0.43 4.43 -3.74
C ALA A 24 0.62 5.84 -4.31
N LYS A 25 1.72 6.52 -3.96
CA LYS A 25 2.10 7.80 -4.55
C LYS A 25 2.88 7.56 -5.85
N LYS A 26 3.73 6.54 -5.90
CA LYS A 26 4.62 6.27 -7.03
C LYS A 26 3.81 5.79 -8.24
N ALA A 27 2.83 4.91 -8.01
CA ALA A 27 2.06 4.25 -9.04
C ALA A 27 0.57 4.27 -8.66
N ASN A 28 -0.30 3.96 -9.63
CA ASN A 28 -1.76 4.00 -9.50
C ASN A 28 -2.34 2.89 -8.60
N ILE A 29 -1.47 2.11 -7.93
CA ILE A 29 -1.85 0.91 -7.20
C ILE A 29 -2.77 1.24 -6.01
N ARG A 30 -3.58 0.27 -5.59
CA ARG A 30 -4.47 0.45 -4.44
C ARG A 30 -3.76 0.03 -3.16
N VAL A 31 -4.19 0.64 -2.05
CA VAL A 31 -3.76 0.35 -0.69
C VAL A 31 -4.98 0.50 0.21
N THR A 32 -4.94 -0.15 1.38
CA THR A 32 -5.95 -0.01 2.43
C THR A 32 -5.24 -0.24 3.77
N PHE A 33 -5.49 0.62 4.75
CA PHE A 33 -4.75 0.67 6.00
C PHE A 33 -5.75 0.47 7.13
N TRP A 34 -5.70 -0.68 7.81
CA TRP A 34 -6.72 -1.06 8.77
C TRP A 34 -6.70 -0.21 10.05
N GLY A 35 -5.52 0.23 10.48
CA GLY A 35 -5.33 0.89 11.76
C GLY A 35 -5.66 -0.09 12.90
N ASP A 36 -5.23 -1.35 12.74
CA ASP A 36 -5.49 -2.43 13.67
C ASP A 36 -5.00 -2.10 15.08
N GLY A 1 2.15 -5.14 -20.22
CA GLY A 1 1.49 -5.24 -18.91
C GLY A 1 0.40 -4.18 -18.76
N SER A 2 -0.86 -4.61 -18.70
CA SER A 2 -2.03 -3.72 -18.62
C SER A 2 -2.06 -2.88 -17.33
N GLY A 3 -1.43 -3.35 -16.25
CA GLY A 3 -1.35 -2.69 -14.97
C GLY A 3 -0.50 -3.51 -13.99
N GLN A 4 -0.38 -3.03 -12.75
CA GLN A 4 0.43 -3.65 -11.70
C GLN A 4 -0.27 -3.59 -10.33
N VAL A 5 -1.59 -3.36 -10.31
CA VAL A 5 -2.37 -3.20 -9.08
C VAL A 5 -2.25 -4.48 -8.24
N ARG A 6 -2.11 -4.30 -6.92
CA ARG A 6 -2.08 -5.36 -5.92
C ARG A 6 -2.80 -4.85 -4.67
N THR A 7 -3.11 -5.74 -3.74
CA THR A 7 -3.75 -5.41 -2.48
C THR A 7 -2.90 -5.99 -1.36
N ILE A 8 -3.00 -5.37 -0.18
CA ILE A 8 -2.17 -5.68 0.99
C ILE A 8 -3.11 -5.95 2.18
N TRP A 9 -2.59 -6.43 3.29
CA TRP A 9 -3.40 -6.75 4.47
C TRP A 9 -2.56 -6.43 5.71
N VAL A 10 -2.44 -5.13 6.02
CA VAL A 10 -1.56 -4.64 7.09
C VAL A 10 -2.38 -3.79 8.05
N GLY A 11 -1.91 -3.72 9.30
CA GLY A 11 -2.58 -3.01 10.39
C GLY A 11 -2.29 -1.52 10.39
N GLY A 12 -2.12 -0.91 9.20
CA GLY A 12 -1.69 0.48 9.04
C GLY A 12 -0.37 0.74 9.77
N THR A 13 0.55 -0.22 9.74
CA THR A 13 1.76 -0.24 10.53
C THR A 13 2.62 0.99 10.20
N PRO A 14 3.04 1.80 11.20
CA PRO A 14 3.96 2.90 10.98
C PRO A 14 5.27 2.50 10.28
N GLU A 15 5.65 1.22 10.35
CA GLU A 15 6.89 0.71 9.78
C GLU A 15 6.69 0.18 8.35
N GLU A 16 5.44 0.17 7.84
CA GLU A 16 5.12 -0.33 6.51
C GLU A 16 4.55 0.81 5.66
N LEU A 17 3.76 1.71 6.28
CA LEU A 17 3.32 2.96 5.68
C LEU A 17 4.48 3.71 5.02
N LYS A 18 5.69 3.62 5.59
CA LYS A 18 6.89 4.29 5.06
C LYS A 18 7.21 3.90 3.60
N LYS A 19 6.78 2.73 3.14
CA LYS A 19 7.03 2.26 1.77
C LYS A 19 5.71 2.05 1.05
N LEU A 20 4.68 1.53 1.72
CA LEU A 20 3.42 1.20 1.09
C LEU A 20 2.67 2.45 0.63
N LYS A 21 2.67 3.52 1.45
CA LYS A 21 2.03 4.78 1.04
C LYS A 21 2.82 5.42 -0.09
N GLU A 22 4.16 5.29 -0.08
CA GLU A 22 4.99 5.80 -1.16
C GLU A 22 4.66 5.07 -2.46
N GLU A 23 4.52 3.73 -2.45
CA GLU A 23 4.17 2.94 -3.62
C GLU A 23 2.80 3.37 -4.17
N ALA A 24 1.83 3.62 -3.28
CA ALA A 24 0.50 4.11 -3.63
C ALA A 24 0.49 5.53 -4.22
N LYS A 25 1.65 6.18 -4.31
CA LYS A 25 1.82 7.49 -4.92
C LYS A 25 2.85 7.42 -6.06
N LYS A 26 3.80 6.47 -6.00
CA LYS A 26 4.78 6.23 -7.05
C LYS A 26 4.08 5.62 -8.27
N ALA A 27 3.14 4.72 -8.03
CA ALA A 27 2.34 4.06 -9.05
C ALA A 27 0.86 4.31 -8.76
N ASN A 28 0.01 4.01 -9.76
CA ASN A 28 -1.45 4.20 -9.71
C ASN A 28 -2.15 3.18 -8.80
N ILE A 29 -1.40 2.25 -8.21
CA ILE A 29 -1.92 1.19 -7.34
C ILE A 29 -2.61 1.80 -6.10
N ARG A 30 -3.43 0.99 -5.41
CA ARG A 30 -4.14 1.40 -4.19
C ARG A 30 -3.94 0.33 -3.14
N VAL A 31 -3.90 0.74 -1.88
CA VAL A 31 -3.50 -0.07 -0.75
C VAL A 31 -4.58 -0.02 0.33
N THR A 32 -4.43 -0.92 1.30
CA THR A 32 -5.42 -1.22 2.32
C THR A 32 -4.74 -1.19 3.69
N PHE A 33 -5.27 -0.38 4.61
CA PHE A 33 -4.69 -0.16 5.94
C PHE A 33 -5.81 -0.40 6.95
N TRP A 34 -5.88 -1.62 7.49
CA TRP A 34 -7.00 -2.05 8.31
C TRP A 34 -7.01 -1.40 9.71
N GLY A 35 -5.86 -0.96 10.20
CA GLY A 35 -5.71 -0.53 11.58
C GLY A 35 -5.97 -1.68 12.57
N ASP A 36 -5.77 -2.93 12.12
CA ASP A 36 -6.00 -4.15 12.88
C ASP A 36 -5.26 -4.13 14.22
N GLY A 1 0.87 5.61 -19.09
CA GLY A 1 1.43 5.64 -17.72
C GLY A 1 1.79 4.25 -17.24
N SER A 2 1.06 3.74 -16.24
CA SER A 2 1.29 2.44 -15.60
C SER A 2 -0.07 1.82 -15.24
N GLY A 3 -0.09 0.50 -15.03
CA GLY A 3 -1.32 -0.25 -14.77
C GLY A 3 -1.09 -1.49 -13.91
N GLN A 4 -0.02 -1.50 -13.10
CA GLN A 4 0.21 -2.53 -12.09
C GLN A 4 -0.94 -2.49 -11.07
N VAL A 5 -1.30 -3.64 -10.48
CA VAL A 5 -2.27 -3.70 -9.39
C VAL A 5 -1.75 -4.68 -8.34
N ARG A 6 -1.86 -4.26 -7.09
CA ARG A 6 -1.65 -5.00 -5.85
C ARG A 6 -2.70 -4.43 -4.89
N THR A 7 -3.02 -5.15 -3.82
CA THR A 7 -3.83 -4.69 -2.70
C THR A 7 -3.17 -5.26 -1.45
N ILE A 8 -3.32 -4.56 -0.33
CA ILE A 8 -2.61 -4.82 0.92
C ILE A 8 -3.63 -4.96 2.06
N TRP A 9 -3.18 -5.48 3.21
CA TRP A 9 -4.02 -5.72 4.38
C TRP A 9 -3.22 -5.42 5.66
N VAL A 10 -2.43 -4.34 5.64
CA VAL A 10 -1.65 -3.92 6.80
C VAL A 10 -2.59 -3.40 7.88
N GLY A 11 -2.25 -3.66 9.15
CA GLY A 11 -3.02 -3.23 10.31
C GLY A 11 -2.25 -3.37 11.61
N GLY A 12 -0.92 -3.23 11.57
CA GLY A 12 -0.07 -3.37 12.75
C GLY A 12 1.40 -3.07 12.44
N THR A 13 1.67 -2.25 11.42
CA THR A 13 3.00 -2.02 10.84
C THR A 13 3.08 -0.54 10.43
N PRO A 14 2.93 0.42 11.38
CA PRO A 14 2.79 1.83 11.05
C PRO A 14 4.02 2.42 10.35
N GLU A 15 5.20 1.85 10.56
CA GLU A 15 6.41 2.30 9.89
C GLU A 15 6.39 1.94 8.40
N GLU A 16 5.74 0.82 8.01
CA GLU A 16 5.76 0.39 6.62
C GLU A 16 4.82 1.24 5.76
N LEU A 17 3.87 1.95 6.36
CA LEU A 17 3.06 2.97 5.70
C LEU A 17 3.95 3.99 4.98
N LYS A 18 5.16 4.26 5.50
CA LYS A 18 6.10 5.19 4.85
C LYS A 18 6.52 4.67 3.47
N LYS A 19 6.60 3.36 3.27
CA LYS A 19 6.94 2.77 1.98
C LYS A 19 5.66 2.65 1.16
N LEU A 20 4.61 2.10 1.77
CA LEU A 20 3.39 1.72 1.07
C LEU A 20 2.67 2.96 0.51
N LYS A 21 2.62 4.06 1.27
CA LYS A 21 2.04 5.31 0.77
C LYS A 21 2.86 5.87 -0.39
N GLU A 22 4.18 5.66 -0.42
CA GLU A 22 4.99 6.07 -1.56
C GLU A 22 4.63 5.21 -2.76
N GLU A 23 4.53 3.89 -2.63
CA GLU A 23 4.15 2.99 -3.73
C GLU A 23 2.77 3.36 -4.27
N ALA A 24 1.83 3.75 -3.41
CA ALA A 24 0.49 4.19 -3.78
C ALA A 24 0.49 5.44 -4.67
N LYS A 25 1.62 6.15 -4.78
CA LYS A 25 1.78 7.37 -5.57
C LYS A 25 2.81 7.16 -6.67
N LYS A 26 3.80 6.28 -6.45
CA LYS A 26 4.84 5.96 -7.44
C LYS A 26 4.29 4.99 -8.48
N ALA A 27 3.25 4.20 -8.17
CA ALA A 27 2.66 3.22 -9.06
C ALA A 27 1.12 3.26 -8.93
N ASN A 28 0.45 2.58 -9.86
CA ASN A 28 -1.01 2.52 -9.97
C ASN A 28 -1.68 1.67 -8.87
N ILE A 29 -0.89 0.94 -8.08
CA ILE A 29 -1.38 -0.06 -7.13
C ILE A 29 -2.35 0.50 -6.08
N ARG A 30 -3.25 -0.36 -5.60
CA ARG A 30 -4.18 -0.03 -4.52
C ARG A 30 -3.47 -0.24 -3.19
N VAL A 31 -3.87 0.54 -2.19
CA VAL A 31 -3.48 0.35 -0.80
C VAL A 31 -4.75 0.52 0.04
N THR A 32 -4.78 -0.19 1.16
CA THR A 32 -5.87 -0.15 2.13
C THR A 32 -5.21 -0.32 3.51
N PHE A 33 -5.69 0.43 4.49
CA PHE A 33 -5.03 0.55 5.79
C PHE A 33 -6.08 0.33 6.88
N TRP A 34 -5.92 -0.71 7.69
CA TRP A 34 -6.76 -0.97 8.85
C TRP A 34 -6.11 -0.39 10.11
N GLY A 35 -6.95 0.01 11.08
CA GLY A 35 -6.47 0.37 12.41
C GLY A 35 -6.06 -0.90 13.15
N ASP A 36 -6.86 -1.96 13.01
CA ASP A 36 -6.58 -3.33 13.44
C ASP A 36 -7.52 -4.25 12.66
N GLY A 1 10.16 -3.42 -13.79
CA GLY A 1 8.68 -3.29 -13.77
C GLY A 1 8.27 -1.83 -13.77
N SER A 2 7.65 -1.36 -14.86
CA SER A 2 7.24 0.03 -15.05
C SER A 2 6.18 0.49 -14.04
N GLY A 3 5.40 -0.43 -13.49
CA GLY A 3 4.35 -0.17 -12.50
C GLY A 3 3.72 -1.49 -12.04
N GLN A 4 2.76 -1.40 -11.14
CA GLN A 4 2.00 -2.52 -10.61
C GLN A 4 0.63 -2.04 -10.12
N VAL A 5 -0.30 -2.96 -9.92
CA VAL A 5 -1.57 -2.72 -9.25
C VAL A 5 -1.88 -3.99 -8.44
N ARG A 6 -2.16 -3.81 -7.14
CA ARG A 6 -2.51 -4.86 -6.20
C ARG A 6 -3.17 -4.21 -4.98
N THR A 7 -3.74 -5.04 -4.11
CA THR A 7 -4.22 -4.67 -2.79
C THR A 7 -3.13 -5.04 -1.78
N ILE A 8 -3.22 -4.44 -0.61
CA ILE A 8 -2.28 -4.63 0.50
C ILE A 8 -3.07 -5.17 1.70
N TRP A 9 -2.38 -5.52 2.79
CA TRP A 9 -3.02 -5.85 4.06
C TRP A 9 -2.07 -5.40 5.15
N VAL A 10 -2.20 -4.14 5.55
CA VAL A 10 -1.29 -3.47 6.46
C VAL A 10 -2.10 -2.72 7.52
N GLY A 11 -1.50 -2.48 8.69
CA GLY A 11 -2.07 -1.61 9.70
C GLY A 11 -1.14 -1.42 10.88
N GLY A 12 -0.88 -2.48 11.64
CA GLY A 12 -0.10 -2.45 12.88
C GLY A 12 1.40 -2.49 12.62
N THR A 13 1.86 -1.79 11.58
CA THR A 13 3.20 -1.85 11.03
C THR A 13 3.49 -0.44 10.48
N PRO A 14 3.70 0.57 11.35
CA PRO A 14 3.77 1.97 10.94
C PRO A 14 4.78 2.24 9.81
N GLU A 15 5.90 1.51 9.78
CA GLU A 15 6.92 1.69 8.76
C GLU A 15 6.38 1.27 7.39
N GLU A 16 5.56 0.22 7.35
CA GLU A 16 4.99 -0.28 6.10
C GLU A 16 3.86 0.62 5.63
N LEU A 17 3.20 1.35 6.53
CA LEU A 17 2.26 2.40 6.12
C LEU A 17 3.04 3.44 5.32
N LYS A 18 4.28 3.77 5.69
CA LYS A 18 5.06 4.77 4.96
C LYS A 18 5.47 4.19 3.61
N LYS A 19 6.05 2.98 3.60
CA LYS A 19 6.51 2.36 2.36
C LYS A 19 5.35 2.19 1.38
N LEU A 20 4.22 1.65 1.83
CA LEU A 20 3.10 1.35 0.96
C LEU A 20 2.38 2.65 0.56
N LYS A 21 2.30 3.66 1.44
CA LYS A 21 1.82 4.98 1.01
C LYS A 21 2.72 5.56 -0.08
N GLU A 22 4.04 5.38 -0.02
CA GLU A 22 4.93 5.82 -1.08
C GLU A 22 4.58 5.09 -2.37
N GLU A 23 4.40 3.76 -2.31
CA GLU A 23 3.99 2.96 -3.45
C GLU A 23 2.64 3.41 -4.03
N ALA A 24 1.75 3.98 -3.22
CA ALA A 24 0.47 4.53 -3.69
C ALA A 24 0.65 5.66 -4.70
N LYS A 25 1.81 6.33 -4.71
CA LYS A 25 2.16 7.29 -5.77
C LYS A 25 3.13 6.64 -6.78
N LYS A 26 4.00 5.73 -6.34
CA LYS A 26 5.02 5.14 -7.21
C LYS A 26 4.36 4.25 -8.28
N ALA A 27 3.21 3.65 -7.96
CA ALA A 27 2.50 2.68 -8.78
C ALA A 27 0.99 2.92 -8.69
N ASN A 28 0.20 2.11 -9.39
CA ASN A 28 -1.25 2.28 -9.55
C ASN A 28 -2.03 1.50 -8.48
N ILE A 29 -1.34 1.00 -7.45
CA ILE A 29 -1.89 0.10 -6.45
C ILE A 29 -3.03 0.74 -5.66
N ARG A 30 -3.91 -0.11 -5.10
CA ARG A 30 -5.07 0.33 -4.32
C ARG A 30 -4.82 0.05 -2.85
N VAL A 31 -3.97 0.89 -2.25
CA VAL A 31 -3.64 0.81 -0.85
C VAL A 31 -4.93 0.85 0.00
N THR A 32 -4.94 0.03 1.04
CA THR A 32 -6.07 -0.18 1.93
C THR A 32 -5.44 -0.36 3.32
N PHE A 33 -5.78 0.51 4.27
CA PHE A 33 -5.10 0.60 5.56
C PHE A 33 -6.08 0.20 6.65
N TRP A 34 -5.84 -0.95 7.28
CA TRP A 34 -6.64 -1.42 8.41
C TRP A 34 -6.19 -0.72 9.70
N GLY A 35 -7.09 -0.62 10.67
CA GLY A 35 -6.80 -0.18 12.03
C GLY A 35 -6.35 -1.39 12.88
N ASP A 36 -5.56 -2.27 12.27
CA ASP A 36 -5.13 -3.55 12.86
C ASP A 36 -4.40 -3.33 14.18
N GLY A 1 -2.19 -14.92 -14.18
CA GLY A 1 -2.79 -13.57 -14.08
C GLY A 1 -1.97 -12.68 -13.16
N SER A 2 -1.29 -11.68 -13.72
CA SER A 2 -0.41 -10.76 -13.02
C SER A 2 -0.53 -9.36 -13.65
N GLY A 3 -0.06 -8.32 -12.94
CA GLY A 3 -0.06 -6.94 -13.39
C GLY A 3 0.59 -6.06 -12.32
N GLN A 4 0.65 -4.74 -12.60
CA GLN A 4 1.22 -3.77 -11.67
C GLN A 4 0.35 -3.65 -10.41
N VAL A 5 -0.97 -3.75 -10.55
CA VAL A 5 -1.92 -3.61 -9.45
C VAL A 5 -1.67 -4.68 -8.38
N ARG A 6 -1.94 -4.31 -7.12
CA ARG A 6 -1.70 -5.12 -5.94
C ARG A 6 -2.75 -4.79 -4.88
N THR A 7 -2.78 -5.57 -3.81
CA THR A 7 -3.56 -5.33 -2.61
C THR A 7 -2.64 -5.58 -1.42
N ILE A 8 -2.95 -4.92 -0.31
CA ILE A 8 -2.18 -4.90 0.92
C ILE A 8 -3.14 -5.24 2.08
N TRP A 9 -2.60 -5.53 3.27
CA TRP A 9 -3.40 -5.77 4.47
C TRP A 9 -2.66 -5.32 5.72
N VAL A 10 -1.96 -4.18 5.64
CA VAL A 10 -1.27 -3.62 6.80
C VAL A 10 -2.30 -3.11 7.82
N GLY A 11 -1.95 -3.25 9.09
CA GLY A 11 -2.63 -2.76 10.26
C GLY A 11 -1.72 -3.02 11.46
N GLY A 12 -1.74 -2.15 12.47
CA GLY A 12 -0.79 -2.18 13.58
C GLY A 12 0.68 -2.13 13.12
N THR A 13 0.96 -1.58 11.93
CA THR A 13 2.26 -1.62 11.26
C THR A 13 2.54 -0.26 10.59
N PRO A 14 2.60 0.85 11.34
CA PRO A 14 2.76 2.20 10.77
C PRO A 14 4.08 2.35 10.01
N GLU A 15 5.10 1.54 10.33
CA GLU A 15 6.38 1.53 9.66
C GLU A 15 6.28 1.04 8.20
N GLU A 16 5.21 0.32 7.85
CA GLU A 16 5.02 -0.24 6.50
C GLU A 16 4.29 0.75 5.62
N LEU A 17 3.48 1.65 6.22
CA LEU A 17 2.89 2.79 5.53
C LEU A 17 4.01 3.62 4.88
N LYS A 18 5.21 3.61 5.47
CA LYS A 18 6.33 4.40 4.96
C LYS A 18 6.79 3.93 3.58
N LYS A 19 6.52 2.68 3.20
CA LYS A 19 6.83 2.15 1.88
C LYS A 19 5.57 2.15 1.03
N LEU A 20 4.44 1.70 1.58
CA LEU A 20 3.24 1.47 0.79
C LEU A 20 2.58 2.79 0.37
N LYS A 21 2.69 3.87 1.15
CA LYS A 21 2.29 5.18 0.67
C LYS A 21 3.13 5.61 -0.53
N GLU A 22 4.43 5.30 -0.53
CA GLU A 22 5.28 5.67 -1.66
C GLU A 22 4.80 4.92 -2.90
N GLU A 23 4.52 3.60 -2.80
CA GLU A 23 4.02 2.82 -3.92
C GLU A 23 2.68 3.37 -4.43
N ALA A 24 1.77 3.75 -3.52
CA ALA A 24 0.48 4.34 -3.84
C ALA A 24 0.57 5.73 -4.51
N LYS A 25 1.78 6.30 -4.61
CA LYS A 25 2.04 7.60 -5.23
C LYS A 25 3.03 7.44 -6.37
N LYS A 26 3.87 6.40 -6.36
CA LYS A 26 4.78 6.04 -7.45
C LYS A 26 3.95 5.50 -8.61
N ALA A 27 2.92 4.70 -8.31
CA ALA A 27 1.97 4.17 -9.27
C ALA A 27 0.54 4.33 -8.73
N ASN A 28 -0.45 4.16 -9.59
CA ASN A 28 -1.87 4.34 -9.28
C ASN A 28 -2.46 3.16 -8.47
N ILE A 29 -1.61 2.26 -7.98
CA ILE A 29 -2.02 0.99 -7.39
C ILE A 29 -2.88 1.17 -6.14
N ARG A 30 -3.72 0.16 -5.88
CA ARG A 30 -4.63 0.12 -4.74
C ARG A 30 -3.83 -0.13 -3.47
N VAL A 31 -4.27 0.51 -2.38
CA VAL A 31 -3.82 0.27 -1.01
C VAL A 31 -5.05 0.42 -0.12
N THR A 32 -5.04 -0.27 1.02
CA THR A 32 -6.05 -0.15 2.06
C THR A 32 -5.34 -0.28 3.40
N PHE A 33 -5.65 0.62 4.34
CA PHE A 33 -4.91 0.76 5.59
C PHE A 33 -5.88 0.53 6.74
N TRP A 34 -5.82 -0.66 7.35
CA TRP A 34 -6.57 -0.93 8.57
C TRP A 34 -5.87 -0.27 9.76
N GLY A 35 -6.63 0.04 10.82
CA GLY A 35 -6.05 0.47 12.09
C GLY A 35 -5.26 -0.70 12.68
N ASP A 36 -5.90 -1.87 12.74
CA ASP A 36 -5.32 -3.17 13.07
C ASP A 36 -6.27 -4.24 12.57
N GLY A 1 -3.77 0.99 -19.83
CA GLY A 1 -4.16 1.92 -18.76
C GLY A 1 -3.78 1.39 -17.39
N SER A 2 -4.78 1.08 -16.56
CA SER A 2 -4.58 0.54 -15.21
C SER A 2 -3.82 -0.78 -15.25
N GLY A 3 -3.05 -1.07 -14.19
CA GLY A 3 -2.26 -2.29 -14.05
C GLY A 3 -1.46 -2.25 -12.75
N GLN A 4 -0.57 -3.23 -12.57
CA GLN A 4 0.40 -3.36 -11.49
C GLN A 4 -0.21 -3.54 -10.07
N VAL A 5 -1.52 -3.39 -9.88
CA VAL A 5 -2.19 -3.45 -8.59
C VAL A 5 -1.83 -4.74 -7.83
N ARG A 6 -1.66 -4.63 -6.51
CA ARG A 6 -1.38 -5.80 -5.65
C ARG A 6 -2.38 -5.95 -4.51
N THR A 7 -2.92 -4.84 -3.98
CA THR A 7 -3.71 -4.78 -2.75
C THR A 7 -2.84 -5.18 -1.54
N ILE A 8 -3.20 -4.65 -0.38
CA ILE A 8 -2.42 -4.70 0.85
C ILE A 8 -3.36 -5.06 2.01
N TRP A 9 -2.81 -5.31 3.21
CA TRP A 9 -3.62 -5.60 4.41
C TRP A 9 -2.87 -5.18 5.69
N VAL A 10 -2.14 -4.05 5.64
CA VAL A 10 -1.30 -3.60 6.75
C VAL A 10 -2.12 -3.18 7.97
N GLY A 11 -1.48 -3.30 9.14
CA GLY A 11 -2.00 -2.91 10.43
C GLY A 11 -1.01 -3.34 11.51
N GLY A 12 -0.81 -2.50 12.52
CA GLY A 12 0.23 -2.70 13.53
C GLY A 12 1.64 -2.66 12.93
N THR A 13 1.82 -1.91 11.84
CA THR A 13 3.03 -1.86 11.03
C THR A 13 3.29 -0.40 10.60
N PRO A 14 3.56 0.52 11.55
CA PRO A 14 3.61 1.96 11.31
C PRO A 14 4.52 2.42 10.17
N GLU A 15 5.55 1.64 9.82
CA GLU A 15 6.56 2.01 8.84
C GLU A 15 6.31 1.34 7.48
N GLU A 16 5.40 0.37 7.41
CA GLU A 16 5.16 -0.39 6.17
C GLU A 16 4.09 0.33 5.37
N LEU A 17 3.06 0.85 6.05
CA LEU A 17 2.09 1.75 5.45
C LEU A 17 2.77 2.98 4.85
N LYS A 18 3.95 3.38 5.34
CA LYS A 18 4.67 4.52 4.77
C LYS A 18 5.27 4.13 3.43
N LYS A 19 5.91 2.96 3.34
CA LYS A 19 6.48 2.46 2.08
C LYS A 19 5.35 2.22 1.08
N LEU A 20 4.25 1.62 1.51
CA LEU A 20 3.13 1.33 0.64
C LEU A 20 2.43 2.64 0.22
N LYS A 21 2.31 3.63 1.10
CA LYS A 21 1.83 4.96 0.69
C LYS A 21 2.75 5.57 -0.37
N GLU A 22 4.07 5.42 -0.22
CA GLU A 22 5.00 5.91 -1.24
C GLU A 22 4.75 5.20 -2.57
N GLU A 23 4.52 3.89 -2.58
CA GLU A 23 4.16 3.16 -3.79
C GLU A 23 2.83 3.65 -4.38
N ALA A 24 1.84 3.97 -3.55
CA ALA A 24 0.56 4.50 -4.03
C ALA A 24 0.73 5.86 -4.72
N LYS A 25 1.72 6.64 -4.29
CA LYS A 25 2.07 7.90 -4.92
C LYS A 25 2.94 7.65 -6.16
N LYS A 26 3.81 6.64 -6.14
CA LYS A 26 4.78 6.40 -7.21
C LYS A 26 4.11 5.75 -8.42
N ALA A 27 3.20 4.80 -8.19
CA ALA A 27 2.63 3.94 -9.21
C ALA A 27 1.10 3.88 -9.11
N ASN A 28 0.47 3.20 -10.06
CA ASN A 28 -0.98 3.05 -10.17
C ASN A 28 -1.61 2.27 -9.01
N ILE A 29 -0.81 1.51 -8.25
CA ILE A 29 -1.29 0.54 -7.26
C ILE A 29 -2.21 1.18 -6.21
N ARG A 30 -3.22 0.41 -5.76
CA ARG A 30 -4.07 0.80 -4.64
C ARG A 30 -3.40 0.42 -3.33
N VAL A 31 -3.88 1.05 -2.27
CA VAL A 31 -3.53 0.75 -0.89
C VAL A 31 -4.80 0.86 -0.04
N THR A 32 -4.80 0.17 1.09
CA THR A 32 -5.93 0.10 2.01
C THR A 32 -5.34 0.03 3.43
N PHE A 33 -5.74 0.95 4.31
CA PHE A 33 -5.09 1.14 5.61
C PHE A 33 -6.10 0.91 6.72
N TRP A 34 -6.29 -0.37 7.08
CA TRP A 34 -7.13 -0.76 8.21
C TRP A 34 -6.56 -0.24 9.54
N GLY A 35 -5.24 -0.36 9.69
CA GLY A 35 -4.59 -0.10 10.98
C GLY A 35 -5.02 -1.15 12.02
N ASP A 36 -5.36 -2.37 11.57
CA ASP A 36 -5.89 -3.45 12.38
C ASP A 36 -4.95 -3.79 13.54
N GLY A 1 1.42 -0.72 -16.92
CA GLY A 1 0.77 -2.02 -17.15
C GLY A 1 -0.11 -2.41 -15.96
N SER A 2 -1.37 -2.74 -16.22
CA SER A 2 -2.38 -3.01 -15.19
C SER A 2 -1.99 -4.13 -14.22
N GLY A 3 -1.14 -5.08 -14.64
CA GLY A 3 -0.62 -6.15 -13.80
C GLY A 3 0.15 -5.65 -12.57
N GLN A 4 0.63 -4.39 -12.57
CA GLN A 4 1.28 -3.77 -11.44
C GLN A 4 0.31 -3.58 -10.25
N VAL A 5 -1.00 -3.42 -10.51
CA VAL A 5 -1.99 -3.22 -9.46
C VAL A 5 -2.03 -4.47 -8.57
N ARG A 6 -2.13 -4.25 -7.25
CA ARG A 6 -2.06 -5.29 -6.23
C ARG A 6 -2.92 -4.88 -5.03
N THR A 7 -3.05 -5.79 -4.07
CA THR A 7 -3.69 -5.56 -2.77
C THR A 7 -2.61 -5.51 -1.69
N ILE A 8 -2.96 -4.93 -0.56
CA ILE A 8 -2.17 -4.95 0.67
C ILE A 8 -3.13 -5.33 1.81
N TRP A 9 -2.61 -5.73 2.97
CA TRP A 9 -3.40 -6.03 4.16
C TRP A 9 -2.59 -5.62 5.39
N VAL A 10 -2.45 -4.31 5.62
CA VAL A 10 -1.58 -3.78 6.68
C VAL A 10 -2.34 -2.86 7.63
N GLY A 11 -1.76 -2.64 8.80
CA GLY A 11 -2.16 -1.68 9.80
C GLY A 11 -1.16 -1.70 10.96
N GLY A 12 -1.21 -0.68 11.82
CA GLY A 12 -0.42 -0.62 13.05
C GLY A 12 1.10 -0.71 12.85
N THR A 13 1.60 -0.43 11.64
CA THR A 13 2.99 -0.65 11.26
C THR A 13 3.46 0.51 10.37
N PRO A 14 3.69 1.72 10.94
CA PRO A 14 4.27 2.85 10.21
C PRO A 14 5.46 2.47 9.33
N GLU A 15 6.27 1.50 9.78
CA GLU A 15 7.50 1.03 9.16
C GLU A 15 7.25 0.34 7.81
N GLU A 16 5.99 0.06 7.47
CA GLU A 16 5.59 -0.62 6.25
C GLU A 16 4.49 0.20 5.57
N LEU A 17 3.48 0.70 6.29
CA LEU A 17 2.36 1.41 5.68
C LEU A 17 2.81 2.74 5.09
N LYS A 18 3.86 3.38 5.60
CA LYS A 18 4.42 4.57 4.94
C LYS A 18 5.06 4.19 3.62
N LYS A 19 5.75 3.05 3.55
CA LYS A 19 6.38 2.58 2.31
C LYS A 19 5.30 2.18 1.31
N LEU A 20 4.25 1.47 1.75
CA LEU A 20 3.15 1.10 0.88
C LEU A 20 2.34 2.32 0.45
N LYS A 21 2.18 3.32 1.33
CA LYS A 21 1.61 4.62 0.91
C LYS A 21 2.48 5.27 -0.16
N GLU A 22 3.80 5.25 -0.02
CA GLU A 22 4.70 5.78 -1.03
C GLU A 22 4.55 4.99 -2.34
N GLU A 23 4.35 3.67 -2.28
CA GLU A 23 4.11 2.82 -3.45
C GLU A 23 2.82 3.23 -4.15
N ALA A 24 1.76 3.54 -3.40
CA ALA A 24 0.50 4.05 -3.96
C ALA A 24 0.75 5.36 -4.69
N LYS A 25 1.51 6.28 -4.07
CA LYS A 25 1.86 7.55 -4.69
C LYS A 25 2.76 7.35 -5.90
N LYS A 26 3.63 6.34 -5.91
CA LYS A 26 4.62 6.14 -6.97
C LYS A 26 4.01 5.48 -8.19
N ALA A 27 3.27 4.38 -7.98
CA ALA A 27 2.79 3.50 -9.04
C ALA A 27 1.27 3.56 -9.24
N ASN A 28 0.58 4.48 -8.55
CA ASN A 28 -0.88 4.67 -8.57
C ASN A 28 -1.68 3.51 -7.97
N ILE A 29 -1.01 2.46 -7.48
CA ILE A 29 -1.66 1.24 -7.03
C ILE A 29 -2.59 1.50 -5.84
N ARG A 30 -3.68 0.74 -5.77
CA ARG A 30 -4.61 0.79 -4.64
C ARG A 30 -3.94 0.26 -3.38
N VAL A 31 -4.33 0.78 -2.24
CA VAL A 31 -3.88 0.39 -0.92
C VAL A 31 -5.06 0.48 0.04
N THR A 32 -5.02 -0.33 1.09
CA THR A 32 -6.07 -0.40 2.11
C THR A 32 -5.39 -0.56 3.46
N PHE A 33 -5.73 0.29 4.41
CA PHE A 33 -5.04 0.40 5.69
C PHE A 33 -6.07 0.14 6.79
N TRP A 34 -6.03 -1.08 7.34
CA TRP A 34 -7.00 -1.54 8.33
C TRP A 34 -6.84 -0.84 9.68
N GLY A 35 -5.59 -0.53 10.05
CA GLY A 35 -5.25 -0.07 11.39
C GLY A 35 -5.48 -1.18 12.43
N ASP A 36 -5.38 -2.45 11.99
CA ASP A 36 -5.61 -3.63 12.81
C ASP A 36 -4.71 -3.63 14.05
N GLY A 1 -4.94 -4.41 -19.49
CA GLY A 1 -5.65 -5.25 -18.50
C GLY A 1 -5.60 -4.63 -17.10
N SER A 2 -5.39 -5.46 -16.08
CA SER A 2 -5.32 -5.03 -14.68
C SER A 2 -4.10 -4.14 -14.39
N GLY A 3 -3.00 -4.34 -15.12
CA GLY A 3 -1.76 -3.58 -14.90
C GLY A 3 -1.09 -3.98 -13.58
N GLN A 4 -0.22 -3.10 -13.09
CA GLN A 4 0.63 -3.33 -11.91
C GLN A 4 -0.13 -3.40 -10.58
N VAL A 5 -1.46 -3.29 -10.57
CA VAL A 5 -2.28 -3.30 -9.36
C VAL A 5 -2.03 -4.55 -8.51
N ARG A 6 -2.09 -4.39 -7.19
CA ARG A 6 -2.06 -5.46 -6.20
C ARG A 6 -2.92 -5.06 -5.01
N THR A 7 -3.09 -5.96 -4.05
CA THR A 7 -3.78 -5.70 -2.79
C THR A 7 -2.83 -6.04 -1.65
N ILE A 8 -3.08 -5.41 -0.51
CA ILE A 8 -2.19 -5.38 0.66
C ILE A 8 -3.02 -5.79 1.89
N TRP A 9 -2.39 -5.97 3.05
CA TRP A 9 -3.10 -6.24 4.31
C TRP A 9 -2.33 -5.70 5.53
N VAL A 10 -1.65 -4.55 5.38
CA VAL A 10 -0.95 -3.91 6.48
C VAL A 10 -1.96 -3.41 7.52
N GLY A 11 -1.58 -3.46 8.80
CA GLY A 11 -2.41 -3.03 9.91
C GLY A 11 -2.22 -1.55 10.19
N GLY A 12 -2.09 -0.72 9.14
CA GLY A 12 -1.69 0.68 9.25
C GLY A 12 -0.36 0.79 10.01
N THR A 13 0.52 -0.20 9.84
CA THR A 13 1.73 -0.39 10.62
C THR A 13 2.67 0.80 10.42
N PRO A 14 3.13 1.48 11.49
CA PRO A 14 4.13 2.55 11.41
C PRO A 14 5.45 2.17 10.72
N GLU A 15 5.72 0.88 10.54
CA GLU A 15 6.92 0.37 9.90
C GLU A 15 6.68 0.10 8.40
N GLU A 16 5.42 0.03 7.94
CA GLU A 16 5.08 -0.44 6.60
C GLU A 16 4.42 0.68 5.79
N LEU A 17 3.63 1.55 6.42
CA LEU A 17 3.12 2.78 5.79
C LEU A 17 4.27 3.59 5.17
N LYS A 18 5.47 3.51 5.76
CA LYS A 18 6.68 4.18 5.30
C LYS A 18 7.06 3.80 3.87
N LYS A 19 6.61 2.64 3.36
CA LYS A 19 6.85 2.21 1.99
C LYS A 19 5.53 2.16 1.24
N LEU A 20 4.46 1.67 1.87
CA LEU A 20 3.17 1.46 1.23
C LEU A 20 2.55 2.77 0.77
N LYS A 21 2.64 3.85 1.57
CA LYS A 21 2.10 5.15 1.17
C LYS A 21 2.88 5.70 -0.02
N GLU A 22 4.20 5.50 -0.06
CA GLU A 22 5.01 5.93 -1.19
C GLU A 22 4.57 5.14 -2.43
N GLU A 23 4.43 3.81 -2.33
CA GLU A 23 4.03 2.94 -3.44
C GLU A 23 2.66 3.34 -3.99
N ALA A 24 1.71 3.70 -3.10
CA ALA A 24 0.38 4.15 -3.45
C ALA A 24 0.45 5.33 -4.43
N LYS A 25 1.35 6.29 -4.18
CA LYS A 25 1.53 7.43 -5.07
C LYS A 25 2.43 7.08 -6.25
N LYS A 26 3.44 6.21 -6.05
CA LYS A 26 4.48 5.96 -7.04
C LYS A 26 3.93 5.18 -8.23
N ALA A 27 3.05 4.21 -7.97
CA ALA A 27 2.55 3.28 -8.98
C ALA A 27 1.03 3.37 -9.13
N ASN A 28 0.37 4.34 -8.48
CA ASN A 28 -1.08 4.59 -8.49
C ASN A 28 -1.93 3.45 -7.91
N ILE A 29 -1.30 2.37 -7.45
CA ILE A 29 -1.97 1.16 -6.99
C ILE A 29 -2.85 1.44 -5.77
N ARG A 30 -3.90 0.63 -5.59
CA ARG A 30 -4.73 0.70 -4.38
C ARG A 30 -3.89 0.31 -3.18
N VAL A 31 -4.25 0.84 -2.03
CA VAL A 31 -3.75 0.46 -0.72
C VAL A 31 -4.93 0.51 0.23
N THR A 32 -4.90 -0.35 1.24
CA THR A 32 -5.95 -0.42 2.24
C THR A 32 -5.25 -0.73 3.57
N PHE A 33 -5.59 0.02 4.63
CA PHE A 33 -4.88 0.02 5.90
C PHE A 33 -5.89 -0.36 6.98
N TRP A 34 -5.82 -1.59 7.48
CA TRP A 34 -6.76 -2.09 8.49
C TRP A 34 -6.38 -1.57 9.87
N GLY A 35 -7.36 -1.46 10.77
CA GLY A 35 -7.16 -1.19 12.18
C GLY A 35 -6.89 -2.51 12.92
N ASP A 36 -6.05 -3.37 12.34
CA ASP A 36 -5.77 -4.72 12.81
C ASP A 36 -5.22 -4.72 14.23
N GLY A 1 -2.97 -10.60 -16.07
CA GLY A 1 -2.99 -11.38 -14.81
C GLY A 1 -2.16 -10.70 -13.74
N SER A 2 -1.06 -11.33 -13.33
CA SER A 2 -0.15 -10.81 -12.32
C SER A 2 0.46 -9.46 -12.74
N GLY A 3 0.87 -8.65 -11.78
CA GLY A 3 1.48 -7.34 -11.98
C GLY A 3 1.77 -6.69 -10.63
N GLN A 4 2.31 -5.46 -10.66
CA GLN A 4 2.60 -4.69 -9.46
C GLN A 4 1.30 -4.32 -8.73
N VAL A 5 0.21 -4.08 -9.47
CA VAL A 5 -1.10 -3.80 -8.91
C VAL A 5 -1.57 -4.98 -8.06
N ARG A 6 -1.87 -4.71 -6.80
CA ARG A 6 -2.24 -5.72 -5.81
C ARG A 6 -2.95 -5.04 -4.65
N THR A 7 -3.74 -5.79 -3.89
CA THR A 7 -4.30 -5.34 -2.63
C THR A 7 -3.23 -5.52 -1.54
N ILE A 8 -3.38 -4.78 -0.45
CA ILE A 8 -2.50 -4.79 0.72
C ILE A 8 -3.35 -5.05 1.96
N TRP A 9 -2.72 -5.34 3.12
CA TRP A 9 -3.42 -5.55 4.39
C TRP A 9 -2.56 -5.01 5.55
N VAL A 10 -2.07 -3.77 5.40
CA VAL A 10 -1.42 -3.04 6.48
C VAL A 10 -2.46 -2.88 7.60
N GLY A 11 -2.09 -3.15 8.85
CA GLY A 11 -3.02 -3.18 9.97
C GLY A 11 -2.44 -2.73 11.30
N GLY A 12 -1.13 -2.89 11.48
CA GLY A 12 -0.40 -2.49 12.68
C GLY A 12 1.08 -2.51 12.37
N THR A 13 1.44 -1.96 11.21
CA THR A 13 2.75 -2.06 10.59
C THR A 13 3.11 -0.68 10.01
N PRO A 14 3.54 0.28 10.85
CA PRO A 14 3.90 1.62 10.38
C PRO A 14 5.08 1.58 9.40
N GLU A 15 5.91 0.53 9.44
CA GLU A 15 6.99 0.34 8.48
C GLU A 15 6.45 0.08 7.06
N GLU A 16 5.18 -0.34 6.93
CA GLU A 16 4.53 -0.49 5.63
C GLU A 16 3.84 0.82 5.25
N LEU A 17 3.23 1.53 6.20
CA LEU A 17 2.74 2.89 5.95
C LEU A 17 3.87 3.79 5.43
N LYS A 18 5.10 3.54 5.88
CA LYS A 18 6.29 4.30 5.48
C LYS A 18 6.61 4.14 3.98
N LYS A 19 6.13 3.08 3.32
CA LYS A 19 6.56 2.74 1.96
C LYS A 19 5.38 2.56 1.02
N LEU A 20 4.33 1.86 1.43
CA LEU A 20 3.20 1.55 0.55
C LEU A 20 2.38 2.81 0.26
N LYS A 21 2.32 3.78 1.20
CA LYS A 21 1.73 5.09 0.92
C LYS A 21 2.50 5.82 -0.18
N GLU A 22 3.84 5.70 -0.21
CA GLU A 22 4.62 6.28 -1.29
C GLU A 22 4.33 5.54 -2.59
N GLU A 23 4.22 4.21 -2.55
CA GLU A 23 3.91 3.40 -3.73
C GLU A 23 2.55 3.78 -4.33
N ALA A 24 1.56 4.10 -3.50
CA ALA A 24 0.24 4.58 -3.91
C ALA A 24 0.28 5.91 -4.69
N LYS A 25 1.44 6.59 -4.69
CA LYS A 25 1.67 7.86 -5.36
C LYS A 25 2.75 7.70 -6.42
N LYS A 26 3.66 6.73 -6.29
CA LYS A 26 4.66 6.40 -7.30
C LYS A 26 3.98 5.71 -8.49
N ALA A 27 2.99 4.87 -8.21
CA ALA A 27 2.24 4.09 -9.18
C ALA A 27 0.75 4.18 -8.87
N ASN A 28 -0.07 3.71 -9.81
CA ASN A 28 -1.54 3.77 -9.73
C ASN A 28 -2.14 2.74 -8.76
N ILE A 29 -1.31 1.90 -8.13
CA ILE A 29 -1.74 0.75 -7.34
C ILE A 29 -2.66 1.18 -6.19
N ARG A 30 -3.62 0.32 -5.84
CA ARG A 30 -4.50 0.51 -4.69
C ARG A 30 -3.75 0.24 -3.40
N VAL A 31 -4.20 0.88 -2.33
CA VAL A 31 -3.75 0.63 -0.95
C VAL A 31 -4.98 0.72 -0.05
N THR A 32 -4.92 0.05 1.10
CA THR A 32 -5.92 0.12 2.15
C THR A 32 -5.20 -0.10 3.48
N PHE A 33 -5.60 0.65 4.51
CA PHE A 33 -4.89 0.71 5.78
C PHE A 33 -5.89 0.47 6.90
N TRP A 34 -5.79 -0.67 7.58
CA TRP A 34 -6.57 -0.99 8.78
C TRP A 34 -5.85 -0.42 10.01
N GLY A 35 -6.55 -0.46 11.15
CA GLY A 35 -6.05 -0.17 12.48
C GLY A 35 -6.48 -1.34 13.36
N ASP A 36 -5.94 -2.52 13.06
CA ASP A 36 -6.35 -3.80 13.61
C ASP A 36 -6.29 -3.81 15.14
N GLY A 1 -1.24 -0.14 -19.56
CA GLY A 1 -0.22 -0.33 -18.52
C GLY A 1 -0.84 -0.66 -17.17
N SER A 2 -0.57 -1.85 -16.64
CA SER A 2 -1.08 -2.30 -15.35
C SER A 2 -0.51 -1.51 -14.18
N GLY A 3 0.71 -0.97 -14.31
CA GLY A 3 1.39 -0.21 -13.27
C GLY A 3 1.53 -1.01 -11.98
N GLN A 4 1.87 -2.30 -12.10
CA GLN A 4 2.03 -3.30 -11.04
C GLN A 4 0.83 -3.41 -10.06
N VAL A 5 -0.38 -2.97 -10.45
CA VAL A 5 -1.55 -2.85 -9.59
C VAL A 5 -1.80 -4.09 -8.70
N ARG A 6 -2.09 -3.84 -7.42
CA ARG A 6 -2.42 -4.83 -6.40
C ARG A 6 -3.14 -4.12 -5.25
N THR A 7 -3.53 -4.88 -4.23
CA THR A 7 -4.16 -4.44 -3.00
C THR A 7 -3.30 -4.93 -1.84
N ILE A 8 -3.40 -4.26 -0.70
CA ILE A 8 -2.58 -4.50 0.49
C ILE A 8 -3.51 -4.92 1.65
N TRP A 9 -2.92 -5.44 2.73
CA TRP A 9 -3.64 -5.76 3.96
C TRP A 9 -2.71 -5.51 5.14
N VAL A 10 -2.42 -4.23 5.41
CA VAL A 10 -1.51 -3.83 6.49
C VAL A 10 -2.26 -2.98 7.51
N GLY A 11 -1.70 -2.93 8.71
CA GLY A 11 -2.20 -2.17 9.85
C GLY A 11 -1.36 -2.53 11.07
N GLY A 12 -1.21 -1.58 12.00
CA GLY A 12 -0.29 -1.71 13.13
C GLY A 12 1.17 -1.85 12.67
N THR A 13 1.51 -1.22 11.54
CA THR A 13 2.77 -1.39 10.82
C THR A 13 3.26 -0.01 10.35
N PRO A 14 3.48 0.96 11.26
CA PRO A 14 3.75 2.35 10.89
C PRO A 14 5.03 2.53 10.07
N GLU A 15 5.96 1.57 10.13
CA GLU A 15 7.23 1.63 9.40
C GLU A 15 7.11 1.06 7.99
N GLU A 16 5.95 0.50 7.61
CA GLU A 16 5.76 -0.20 6.34
C GLU A 16 4.55 0.35 5.59
N LEU A 17 3.49 0.77 6.29
CA LEU A 17 2.40 1.50 5.69
C LEU A 17 2.90 2.83 5.12
N LYS A 18 3.99 3.41 5.62
CA LYS A 18 4.60 4.58 4.97
C LYS A 18 5.21 4.21 3.62
N LYS A 19 5.83 3.03 3.50
CA LYS A 19 6.42 2.57 2.24
C LYS A 19 5.31 2.26 1.24
N LEU A 20 4.25 1.58 1.69
CA LEU A 20 3.12 1.29 0.81
C LEU A 20 2.35 2.56 0.48
N LYS A 21 2.25 3.54 1.39
CA LYS A 21 1.69 4.85 1.05
C LYS A 21 2.52 5.56 -0.02
N GLU A 22 3.85 5.49 0.03
CA GLU A 22 4.69 6.01 -1.05
C GLU A 22 4.34 5.29 -2.36
N GLU A 23 4.23 3.96 -2.33
CA GLU A 23 3.90 3.13 -3.47
C GLU A 23 2.55 3.53 -4.08
N ALA A 24 1.59 4.00 -3.27
CA ALA A 24 0.28 4.46 -3.71
C ALA A 24 0.37 5.66 -4.66
N LYS A 25 1.45 6.44 -4.61
CA LYS A 25 1.73 7.50 -5.58
C LYS A 25 2.74 7.02 -6.62
N LYS A 26 3.67 6.14 -6.25
CA LYS A 26 4.72 5.68 -7.16
C LYS A 26 4.14 4.86 -8.31
N ALA A 27 3.11 4.06 -8.04
CA ALA A 27 2.56 3.06 -8.95
C ALA A 27 1.03 3.12 -9.00
N ASN A 28 0.43 2.29 -9.86
CA ASN A 28 -1.02 2.20 -10.05
C ASN A 28 -1.70 1.36 -8.97
N ILE A 29 -0.93 0.85 -8.00
CA ILE A 29 -1.44 0.05 -6.89
C ILE A 29 -2.45 0.87 -6.06
N ARG A 30 -3.31 0.17 -5.31
CA ARG A 30 -4.22 0.79 -4.35
C ARG A 30 -3.87 0.31 -2.96
N VAL A 31 -4.20 1.12 -1.96
CA VAL A 31 -3.84 0.86 -0.57
C VAL A 31 -5.08 0.95 0.32
N THR A 32 -5.07 0.15 1.38
CA THR A 32 -6.11 0.11 2.40
C THR A 32 -5.38 -0.17 3.71
N PHE A 33 -5.66 0.61 4.76
CA PHE A 33 -4.88 0.60 5.99
C PHE A 33 -5.84 0.29 7.15
N TRP A 34 -5.69 -0.90 7.73
CA TRP A 34 -6.39 -1.30 8.94
C TRP A 34 -5.77 -0.59 10.15
N GLY A 35 -6.53 -0.48 11.24
CA GLY A 35 -5.99 -0.04 12.52
C GLY A 35 -4.98 -1.07 13.02
N ASP A 36 -5.35 -2.35 12.92
CA ASP A 36 -4.51 -3.53 13.12
C ASP A 36 -5.23 -4.72 12.49
N GLY A 1 0.04 -6.09 -20.78
CA GLY A 1 1.46 -5.70 -20.68
C GLY A 1 2.06 -6.12 -19.35
N SER A 2 2.41 -5.15 -18.51
CA SER A 2 3.05 -5.35 -17.21
C SER A 2 2.51 -4.31 -16.22
N GLY A 3 2.70 -4.55 -14.92
CA GLY A 3 2.26 -3.69 -13.84
C GLY A 3 2.62 -4.32 -12.48
N GLN A 4 2.24 -3.64 -11.40
CA GLN A 4 2.53 -4.07 -10.02
C GLN A 4 1.33 -3.82 -9.09
N VAL A 5 0.12 -3.75 -9.65
CA VAL A 5 -1.12 -3.55 -8.89
C VAL A 5 -1.32 -4.77 -7.99
N ARG A 6 -1.61 -4.55 -6.71
CA ARG A 6 -2.02 -5.58 -5.76
C ARG A 6 -2.82 -4.93 -4.64
N THR A 7 -3.66 -5.69 -3.96
CA THR A 7 -4.33 -5.26 -2.73
C THR A 7 -3.34 -5.43 -1.57
N ILE A 8 -3.62 -4.73 -0.47
CA ILE A 8 -2.84 -4.76 0.77
C ILE A 8 -3.77 -5.16 1.92
N TRP A 9 -3.21 -5.49 3.09
CA TRP A 9 -3.95 -5.70 4.34
C TRP A 9 -3.06 -5.26 5.51
N VAL A 10 -2.43 -4.09 5.36
CA VAL A 10 -1.40 -3.61 6.28
C VAL A 10 -2.02 -3.21 7.63
N GLY A 11 -1.27 -3.48 8.71
CA GLY A 11 -1.62 -3.03 10.05
C GLY A 11 -0.52 -3.42 11.03
N GLY A 12 -0.47 -2.73 12.18
CA GLY A 12 0.57 -2.91 13.20
C GLY A 12 2.00 -2.68 12.69
N THR A 13 2.16 -1.98 11.56
CA THR A 13 3.42 -1.84 10.83
C THR A 13 3.47 -0.43 10.23
N PRO A 14 3.65 0.63 11.03
CA PRO A 14 3.63 2.01 10.55
C PRO A 14 4.72 2.27 9.49
N GLU A 15 5.80 1.51 9.47
CA GLU A 15 6.82 1.58 8.44
C GLU A 15 6.22 1.22 7.09
N GLU A 16 5.33 0.22 7.06
CA GLU A 16 4.71 -0.25 5.83
C GLU A 16 3.58 0.68 5.40
N LEU A 17 2.96 1.44 6.32
CA LEU A 17 2.05 2.50 5.93
C LEU A 17 2.82 3.51 5.09
N LYS A 18 4.09 3.79 5.45
CA LYS A 18 4.90 4.74 4.69
C LYS A 18 5.31 4.14 3.36
N LYS A 19 5.85 2.91 3.36
CA LYS A 19 6.29 2.26 2.12
C LYS A 19 5.14 2.08 1.14
N LEU A 20 3.98 1.61 1.61
CA LEU A 20 2.84 1.35 0.74
C LEU A 20 2.20 2.67 0.31
N LYS A 21 2.20 3.72 1.15
CA LYS A 21 1.80 5.06 0.68
C LYS A 21 2.74 5.53 -0.42
N GLU A 22 4.06 5.29 -0.30
CA GLU A 22 5.01 5.66 -1.33
C GLU A 22 4.69 4.91 -2.63
N GLU A 23 4.34 3.62 -2.57
CA GLU A 23 3.93 2.86 -3.75
C GLU A 23 2.64 3.43 -4.36
N ALA A 24 1.67 3.84 -3.55
CA ALA A 24 0.45 4.46 -4.05
C ALA A 24 0.77 5.75 -4.80
N LYS A 25 1.68 6.57 -4.26
CA LYS A 25 2.15 7.78 -4.93
C LYS A 25 2.95 7.44 -6.19
N LYS A 26 3.75 6.36 -6.16
CA LYS A 26 4.72 6.07 -7.22
C LYS A 26 4.05 5.40 -8.43
N ALA A 27 3.11 4.49 -8.20
CA ALA A 27 2.55 3.61 -9.23
C ALA A 27 1.01 3.58 -9.22
N ASN A 28 0.36 4.47 -8.46
CA ASN A 28 -1.11 4.61 -8.37
C ASN A 28 -1.81 3.39 -7.77
N ILE A 29 -1.06 2.41 -7.26
CA ILE A 29 -1.63 1.12 -6.88
C ILE A 29 -2.63 1.24 -5.72
N ARG A 30 -3.54 0.26 -5.64
CA ARG A 30 -4.57 0.17 -4.61
C ARG A 30 -3.91 0.03 -3.24
N VAL A 31 -4.38 0.79 -2.27
CA VAL A 31 -3.98 0.68 -0.86
C VAL A 31 -5.23 0.84 0.00
N THR A 32 -5.30 0.11 1.11
CA THR A 32 -6.38 0.13 2.08
C THR A 32 -5.73 0.05 3.45
N PHE A 33 -5.78 1.14 4.22
CA PHE A 33 -5.03 1.29 5.44
C PHE A 33 -5.92 1.01 6.65
N TRP A 34 -6.05 -0.27 7.00
CA TRP A 34 -6.69 -0.67 8.26
C TRP A 34 -5.89 -0.17 9.45
N GLY A 35 -4.58 -0.38 9.43
CA GLY A 35 -3.66 0.04 10.48
C GLY A 35 -3.63 -0.93 11.68
N ASP A 36 -4.59 -1.87 11.74
CA ASP A 36 -4.86 -2.78 12.86
C ASP A 36 -4.68 -2.10 14.23
N GLY A 1 -7.89 -0.65 -16.41
CA GLY A 1 -6.65 -1.14 -15.78
C GLY A 1 -5.47 -0.23 -16.13
N SER A 2 -4.92 0.48 -15.14
CA SER A 2 -3.85 1.46 -15.32
C SER A 2 -2.55 0.84 -15.85
N GLY A 3 -2.28 -0.43 -15.53
CA GLY A 3 -1.12 -1.19 -15.99
C GLY A 3 -0.71 -2.26 -14.98
N GLN A 4 -0.96 -2.02 -13.70
CA GLN A 4 -0.72 -2.94 -12.59
C GLN A 4 -1.77 -2.62 -11.51
N VAL A 5 -2.09 -3.60 -10.68
CA VAL A 5 -2.89 -3.43 -9.47
C VAL A 5 -2.44 -4.52 -8.48
N ARG A 6 -2.59 -4.23 -7.19
CA ARG A 6 -2.19 -5.09 -6.09
C ARG A 6 -3.27 -5.00 -5.00
N THR A 7 -3.10 -5.77 -3.93
CA THR A 7 -3.89 -5.65 -2.73
C THR A 7 -2.94 -5.95 -1.56
N ILE A 8 -3.21 -5.32 -0.43
CA ILE A 8 -2.37 -5.37 0.77
C ILE A 8 -3.29 -5.59 1.99
N TRP A 9 -2.69 -5.83 3.16
CA TRP A 9 -3.43 -5.99 4.42
C TRP A 9 -2.60 -5.44 5.58
N VAL A 10 -1.97 -4.28 5.37
CA VAL A 10 -1.13 -3.63 6.39
C VAL A 10 -2.01 -3.04 7.49
N GLY A 11 -1.48 -3.02 8.70
CA GLY A 11 -2.02 -2.32 9.86
C GLY A 11 -1.01 -2.44 11.01
N GLY A 12 -1.19 -1.64 12.06
CA GLY A 12 -0.37 -1.66 13.27
C GLY A 12 1.13 -1.49 13.05
N THR A 13 1.54 -0.93 11.91
CA THR A 13 2.94 -0.90 11.46
C THR A 13 3.13 0.43 10.71
N PRO A 14 3.23 1.57 11.43
CA PRO A 14 3.39 2.90 10.81
C PRO A 14 4.49 2.96 9.77
N GLU A 15 5.59 2.23 9.97
CA GLU A 15 6.74 2.27 9.07
C GLU A 15 6.36 1.66 7.71
N GLU A 16 5.62 0.55 7.71
CA GLU A 16 5.21 -0.12 6.51
C GLU A 16 4.07 0.68 5.85
N LEU A 17 3.18 1.29 6.62
CA LEU A 17 2.16 2.20 6.12
C LEU A 17 2.82 3.35 5.36
N LYS A 18 3.96 3.86 5.83
CA LYS A 18 4.70 4.91 5.12
C LYS A 18 5.27 4.35 3.83
N LYS A 19 5.95 3.20 3.85
CA LYS A 19 6.53 2.60 2.65
C LYS A 19 5.45 2.30 1.62
N LEU A 20 4.32 1.72 2.03
CA LEU A 20 3.24 1.36 1.11
C LEU A 20 2.48 2.61 0.66
N LYS A 21 2.37 3.65 1.49
CA LYS A 21 1.85 4.95 1.01
C LYS A 21 2.76 5.52 -0.07
N GLU A 22 4.08 5.43 0.09
CA GLU A 22 5.03 5.87 -0.92
C GLU A 22 4.86 5.04 -2.19
N GLU A 23 4.71 3.72 -2.07
CA GLU A 23 4.47 2.83 -3.20
C GLU A 23 3.19 3.20 -3.94
N ALA A 24 2.12 3.58 -3.22
CA ALA A 24 0.86 4.08 -3.78
C ALA A 24 0.98 5.43 -4.49
N LYS A 25 2.17 6.05 -4.47
CA LYS A 25 2.49 7.27 -5.19
C LYS A 25 3.61 7.01 -6.20
N LYS A 26 4.45 6.00 -5.97
CA LYS A 26 5.47 5.55 -6.94
C LYS A 26 4.76 4.91 -8.13
N ALA A 27 3.72 4.12 -7.86
CA ALA A 27 2.85 3.50 -8.86
C ALA A 27 1.39 3.72 -8.46
N ASN A 28 0.49 3.56 -9.43
CA ASN A 28 -0.95 3.85 -9.27
C ASN A 28 -1.70 2.80 -8.44
N ILE A 29 -1.03 1.70 -8.07
CA ILE A 29 -1.63 0.52 -7.47
C ILE A 29 -2.50 0.82 -6.23
N ARG A 30 -3.56 0.03 -6.10
CA ARG A 30 -4.44 0.01 -4.94
C ARG A 30 -3.64 -0.32 -3.68
N VAL A 31 -4.01 0.30 -2.58
CA VAL A 31 -3.55 0.00 -1.23
C VAL A 31 -4.76 0.12 -0.30
N THR A 32 -4.72 -0.60 0.80
CA THR A 32 -5.82 -0.66 1.77
C THR A 32 -5.18 -0.69 3.16
N PHE A 33 -5.62 0.19 4.06
CA PHE A 33 -4.96 0.41 5.33
C PHE A 33 -5.96 0.14 6.46
N TRP A 34 -5.64 -0.83 7.32
CA TRP A 34 -6.37 -1.06 8.57
C TRP A 34 -5.64 -0.32 9.70
N GLY A 35 -6.36 -0.02 10.79
CA GLY A 35 -5.74 0.46 12.01
C GLY A 35 -4.80 -0.61 12.55
N ASP A 36 -5.30 -1.85 12.63
CA ASP A 36 -4.57 -3.08 12.91
C ASP A 36 -5.44 -4.25 12.49
N GLY A 1 1.16 -2.12 -20.03
CA GLY A 1 1.69 -3.50 -20.06
C GLY A 1 1.97 -4.02 -18.65
N SER A 2 3.25 -4.23 -18.33
CA SER A 2 3.70 -4.69 -17.02
C SER A 2 3.29 -3.71 -15.90
N GLY A 3 3.18 -4.21 -14.68
CA GLY A 3 2.81 -3.45 -13.50
C GLY A 3 2.75 -4.35 -12.27
N GLN A 4 2.41 -3.77 -11.12
CA GLN A 4 2.33 -4.46 -9.83
C GLN A 4 1.14 -3.96 -9.00
N VAL A 5 0.05 -3.54 -9.68
CA VAL A 5 -1.21 -3.20 -9.04
C VAL A 5 -1.70 -4.43 -8.29
N ARG A 6 -1.93 -4.23 -7.00
CA ARG A 6 -2.37 -5.21 -6.02
C ARG A 6 -3.08 -4.45 -4.91
N THR A 7 -3.56 -5.16 -3.89
CA THR A 7 -4.17 -4.59 -2.71
C THR A 7 -3.50 -5.24 -1.50
N ILE A 8 -3.47 -4.51 -0.39
CA ILE A 8 -2.74 -4.87 0.83
C ILE A 8 -3.76 -5.06 1.97
N TRP A 9 -3.32 -5.65 3.09
CA TRP A 9 -4.16 -5.87 4.28
C TRP A 9 -3.31 -5.69 5.55
N VAL A 10 -2.36 -4.74 5.51
CA VAL A 10 -1.47 -4.50 6.64
C VAL A 10 -2.27 -3.88 7.80
N GLY A 11 -1.81 -4.13 9.03
CA GLY A 11 -2.42 -3.65 10.25
C GLY A 11 -1.99 -2.21 10.57
N GLY A 12 -1.94 -1.35 9.54
CA GLY A 12 -1.50 0.04 9.67
C GLY A 12 -0.08 0.14 10.24
N THR A 13 0.78 -0.81 9.89
CA THR A 13 2.12 -0.94 10.42
C THR A 13 2.93 0.30 10.01
N PRO A 14 3.55 1.05 10.94
CA PRO A 14 4.41 2.17 10.57
C PRO A 14 5.65 1.71 9.80
N GLU A 15 6.00 0.43 9.89
CA GLU A 15 7.13 -0.17 9.20
C GLU A 15 6.79 -0.42 7.71
N GLU A 16 5.52 -0.31 7.32
CA GLU A 16 5.04 -0.72 6.01
C GLU A 16 4.33 0.43 5.32
N LEU A 17 3.42 1.12 6.02
CA LEU A 17 2.74 2.28 5.44
C LEU A 17 3.73 3.35 4.97
N LYS A 18 4.92 3.43 5.59
CA LYS A 18 5.93 4.42 5.18
C LYS A 18 6.52 4.13 3.80
N LYS A 19 6.31 2.94 3.23
CA LYS A 19 6.73 2.61 1.87
C LYS A 19 5.48 2.43 1.01
N LEU A 20 4.45 1.75 1.53
CA LEU A 20 3.23 1.47 0.79
C LEU A 20 2.49 2.75 0.40
N LYS A 21 2.40 3.75 1.29
CA LYS A 21 1.74 5.01 0.97
C LYS A 21 2.52 5.80 -0.09
N GLU A 22 3.85 5.68 -0.10
CA GLU A 22 4.65 6.27 -1.17
C GLU A 22 4.34 5.56 -2.48
N GLU A 23 4.28 4.21 -2.48
CA GLU A 23 3.99 3.43 -3.68
C GLU A 23 2.61 3.77 -4.24
N ALA A 24 1.62 4.00 -3.37
CA ALA A 24 0.26 4.39 -3.72
C ALA A 24 0.21 5.73 -4.46
N LYS A 25 1.28 6.53 -4.41
CA LYS A 25 1.42 7.80 -5.09
C LYS A 25 2.43 7.67 -6.24
N LYS A 26 3.39 6.74 -6.14
CA LYS A 26 4.43 6.53 -7.14
C LYS A 26 3.84 5.79 -8.35
N ALA A 27 2.90 4.88 -8.12
CA ALA A 27 2.28 4.04 -9.12
C ALA A 27 0.78 3.90 -8.82
N ASN A 28 0.02 3.34 -9.77
CA ASN A 28 -1.45 3.22 -9.71
C ASN A 28 -1.92 2.09 -8.77
N ILE A 29 -1.04 1.58 -7.90
CA ILE A 29 -1.34 0.44 -7.04
C ILE A 29 -2.36 0.85 -5.96
N ARG A 30 -3.07 -0.12 -5.37
CA ARG A 30 -4.04 0.15 -4.30
C ARG A 30 -3.39 -0.15 -2.96
N VAL A 31 -3.78 0.60 -1.93
CA VAL A 31 -3.43 0.33 -0.54
C VAL A 31 -4.68 0.54 0.31
N THR A 32 -4.73 -0.12 1.45
CA THR A 32 -5.71 0.09 2.51
C THR A 32 -5.04 -0.32 3.82
N PHE A 33 -5.33 0.38 4.90
CA PHE A 33 -4.62 0.24 6.17
C PHE A 33 -5.68 0.06 7.27
N TRP A 34 -5.73 -1.12 7.88
CA TRP A 34 -6.68 -1.41 8.96
C TRP A 34 -6.04 -1.16 10.31
N GLY A 35 -6.83 -0.79 11.31
CA GLY A 35 -6.43 -0.71 12.72
C GLY A 35 -6.50 -2.09 13.36
N ASP A 36 -6.02 -3.13 12.65
CA ASP A 36 -6.11 -4.53 13.03
C ASP A 36 -5.44 -4.78 14.38
N GLY A 1 4.31 4.11 -19.73
CA GLY A 1 4.56 4.47 -18.33
C GLY A 1 4.49 3.23 -17.43
N SER A 2 5.63 2.83 -16.86
CA SER A 2 5.74 1.70 -15.95
C SER A 2 4.86 1.90 -14.70
N GLY A 3 4.43 0.80 -14.08
CA GLY A 3 3.60 0.80 -12.88
C GLY A 3 3.25 -0.64 -12.50
N GLN A 4 2.46 -0.80 -11.44
CA GLN A 4 1.95 -2.08 -10.95
C GLN A 4 0.61 -1.84 -10.25
N VAL A 5 -0.15 -2.91 -10.03
CA VAL A 5 -1.41 -2.89 -9.30
C VAL A 5 -1.44 -4.14 -8.41
N ARG A 6 -1.76 -3.95 -7.13
CA ARG A 6 -2.00 -5.01 -6.14
C ARG A 6 -2.80 -4.39 -5.01
N THR A 7 -3.48 -5.22 -4.21
CA THR A 7 -4.11 -4.82 -2.97
C THR A 7 -3.16 -5.24 -1.83
N ILE A 8 -3.23 -4.51 -0.72
CA ILE A 8 -2.37 -4.72 0.44
C ILE A 8 -3.22 -5.21 1.62
N TRP A 9 -2.59 -5.58 2.74
CA TRP A 9 -3.29 -5.91 3.98
C TRP A 9 -2.38 -5.52 5.15
N VAL A 10 -2.25 -4.20 5.38
CA VAL A 10 -1.47 -3.67 6.49
C VAL A 10 -2.36 -2.77 7.34
N GLY A 11 -1.95 -2.57 8.59
CA GLY A 11 -2.55 -1.61 9.50
C GLY A 11 -1.66 -1.45 10.72
N GLY A 12 -1.44 -0.21 11.16
CA GLY A 12 -0.62 0.12 12.31
C GLY A 12 0.81 -0.40 12.23
N THR A 13 1.35 -0.67 11.04
CA THR A 13 2.71 -1.11 10.84
C THR A 13 3.67 0.06 11.18
N PRO A 14 4.89 -0.22 11.65
CA PRO A 14 5.78 0.83 12.13
C PRO A 14 6.30 1.72 11.00
N GLU A 15 6.35 1.20 9.77
CA GLU A 15 6.81 1.90 8.58
C GLU A 15 6.30 1.26 7.28
N GLU A 16 5.75 0.04 7.31
CA GLU A 16 5.38 -0.63 6.07
C GLU A 16 4.26 0.11 5.36
N LEU A 17 3.30 0.67 6.11
CA LEU A 17 2.26 1.53 5.54
C LEU A 17 2.84 2.82 4.96
N LYS A 18 4.04 3.27 5.38
CA LYS A 18 4.69 4.44 4.79
C LYS A 18 5.31 4.03 3.46
N LYS A 19 6.01 2.90 3.41
CA LYS A 19 6.53 2.36 2.14
C LYS A 19 5.38 2.11 1.16
N LEU A 20 4.30 1.47 1.62
CA LEU A 20 3.17 1.17 0.74
C LEU A 20 2.42 2.44 0.36
N LYS A 21 2.32 3.45 1.24
CA LYS A 21 1.80 4.77 0.83
C LYS A 21 2.67 5.38 -0.27
N GLU A 22 4.00 5.29 -0.17
CA GLU A 22 4.88 5.76 -1.24
C GLU A 22 4.63 4.96 -2.52
N GLU A 23 4.40 3.65 -2.43
CA GLU A 23 4.01 2.83 -3.56
C GLU A 23 2.66 3.28 -4.14
N ALA A 24 1.73 3.80 -3.33
CA ALA A 24 0.48 4.38 -3.83
C ALA A 24 0.71 5.68 -4.60
N LYS A 25 1.77 6.43 -4.26
CA LYS A 25 2.18 7.60 -5.06
C LYS A 25 2.93 7.15 -6.30
N LYS A 26 3.69 6.06 -6.23
CA LYS A 26 4.62 5.65 -7.28
C LYS A 26 3.98 4.73 -8.31
N ALA A 27 2.91 4.02 -7.95
CA ALA A 27 2.22 3.04 -8.78
C ALA A 27 0.71 3.14 -8.54
N ASN A 28 -0.07 2.41 -9.34
CA ASN A 28 -1.54 2.46 -9.38
C ASN A 28 -2.20 1.61 -8.27
N ILE A 29 -1.38 0.98 -7.42
CA ILE A 29 -1.79 -0.03 -6.45
C ILE A 29 -2.94 0.43 -5.52
N ARG A 30 -3.74 -0.54 -5.07
CA ARG A 30 -4.90 -0.35 -4.22
C ARG A 30 -4.50 -0.51 -2.77
N VAL A 31 -3.83 0.51 -2.24
CA VAL A 31 -3.56 0.53 -0.80
C VAL A 31 -4.89 0.59 -0.05
N THR A 32 -4.96 -0.16 1.04
CA THR A 32 -6.09 -0.25 1.96
C THR A 32 -5.46 -0.42 3.33
N PHE A 33 -5.79 0.45 4.29
CA PHE A 33 -5.11 0.53 5.56
C PHE A 33 -6.10 0.21 6.67
N TRP A 34 -5.92 -0.96 7.29
CA TRP A 34 -6.64 -1.36 8.49
C TRP A 34 -6.16 -0.55 9.70
N GLY A 35 -6.92 -0.59 10.79
CA GLY A 35 -6.45 -0.06 12.07
C GLY A 35 -5.33 -0.96 12.58
N ASP A 36 -5.55 -2.28 12.51
CA ASP A 36 -4.57 -3.35 12.74
C ASP A 36 -5.14 -4.62 12.13
N GLY A 1 3.19 -2.82 -20.59
CA GLY A 1 2.28 -2.90 -19.43
C GLY A 1 1.62 -1.55 -19.16
N SER A 2 0.31 -1.45 -19.40
CA SER A 2 -0.46 -0.21 -19.26
C SER A 2 -0.54 0.29 -17.81
N GLY A 3 -0.33 -0.58 -16.82
CA GLY A 3 -0.39 -0.26 -15.40
C GLY A 3 -0.06 -1.51 -14.58
N GLN A 4 -0.20 -1.41 -13.26
CA GLN A 4 -0.02 -2.50 -12.31
C GLN A 4 -1.02 -2.32 -11.17
N VAL A 5 -1.41 -3.42 -10.51
CA VAL A 5 -2.27 -3.42 -9.33
C VAL A 5 -1.82 -4.57 -8.43
N ARG A 6 -1.83 -4.33 -7.12
CA ARG A 6 -1.67 -5.30 -6.05
C ARG A 6 -2.41 -4.73 -4.84
N THR A 7 -2.66 -5.55 -3.83
CA THR A 7 -3.48 -5.20 -2.67
C THR A 7 -2.75 -5.72 -1.42
N ILE A 8 -3.03 -5.07 -0.29
CA ILE A 8 -2.30 -5.24 0.97
C ILE A 8 -3.31 -5.54 2.09
N TRP A 9 -2.84 -5.95 3.27
CA TRP A 9 -3.68 -6.19 4.44
C TRP A 9 -2.93 -5.84 5.73
N VAL A 10 -2.12 -4.78 5.70
CA VAL A 10 -1.36 -4.35 6.87
C VAL A 10 -2.31 -3.71 7.90
N GLY A 11 -1.93 -3.78 9.17
CA GLY A 11 -2.67 -3.21 10.29
C GLY A 11 -2.39 -1.71 10.45
N GLY A 12 -2.29 -0.98 9.34
CA GLY A 12 -1.85 0.42 9.30
C GLY A 12 -0.50 0.60 9.99
N THR A 13 0.38 -0.40 9.87
CA THR A 13 1.63 -0.51 10.60
C THR A 13 2.52 0.70 10.24
N PRO A 14 2.99 1.49 11.20
CA PRO A 14 3.96 2.55 10.95
C PRO A 14 5.21 2.05 10.21
N GLU A 15 5.55 0.76 10.38
CA GLU A 15 6.73 0.17 9.75
C GLU A 15 6.53 0.01 8.23
N GLU A 16 5.28 -0.09 7.78
CA GLU A 16 4.92 -0.41 6.40
C GLU A 16 4.51 0.87 5.68
N LEU A 17 3.80 1.77 6.39
CA LEU A 17 3.50 3.13 5.93
C LEU A 17 4.77 3.89 5.51
N LYS A 18 5.97 3.46 5.93
CA LYS A 18 7.23 4.02 5.46
C LYS A 18 7.40 3.90 3.94
N LYS A 19 6.80 2.88 3.30
CA LYS A 19 7.01 2.59 1.88
C LYS A 19 5.69 2.37 1.16
N LEU A 20 4.70 1.74 1.79
CA LEU A 20 3.43 1.43 1.15
C LEU A 20 2.70 2.70 0.71
N LYS A 21 2.73 3.75 1.53
CA LYS A 21 2.10 5.02 1.17
C LYS A 21 2.83 5.69 0.01
N GLU A 22 4.15 5.50 -0.11
CA GLU A 22 4.90 6.01 -1.25
C GLU A 22 4.52 5.23 -2.50
N GLU A 23 4.44 3.90 -2.44
CA GLU A 23 4.05 3.05 -3.57
C GLU A 23 2.66 3.43 -4.08
N ALA A 24 1.73 3.72 -3.17
CA ALA A 24 0.36 4.14 -3.50
C ALA A 24 0.30 5.44 -4.30
N LYS A 25 1.40 6.20 -4.35
CA LYS A 25 1.52 7.48 -5.05
C LYS A 25 2.50 7.35 -6.21
N LYS A 26 3.52 6.48 -6.09
CA LYS A 26 4.51 6.23 -7.12
C LYS A 26 3.90 5.45 -8.28
N ALA A 27 2.97 4.53 -7.98
CA ALA A 27 2.39 3.60 -8.94
C ALA A 27 0.88 3.55 -8.79
N ASN A 28 0.23 2.91 -9.78
CA ASN A 28 -1.22 2.76 -9.91
C ASN A 28 -1.84 1.83 -8.84
N ILE A 29 -1.01 1.12 -8.08
CA ILE A 29 -1.43 0.09 -7.13
C ILE A 29 -2.36 0.65 -6.05
N ARG A 30 -3.17 -0.22 -5.43
CA ARG A 30 -4.03 0.15 -4.31
C ARG A 30 -3.34 -0.21 -3.00
N VAL A 31 -3.80 0.44 -1.94
CA VAL A 31 -3.45 0.12 -0.56
C VAL A 31 -4.72 0.24 0.27
N THR A 32 -4.76 -0.46 1.39
CA THR A 32 -5.80 -0.32 2.41
C THR A 32 -5.13 -0.64 3.75
N PHE A 33 -5.55 0.06 4.81
CA PHE A 33 -4.90 0.04 6.11
C PHE A 33 -5.97 -0.22 7.16
N TRP A 34 -5.98 -1.42 7.74
CA TRP A 34 -6.98 -1.79 8.75
C TRP A 34 -6.52 -1.31 10.13
N GLY A 35 -7.48 -1.03 11.02
CA GLY A 35 -7.24 -0.77 12.43
C GLY A 35 -7.13 -2.09 13.19
N ASP A 36 -6.38 -3.05 12.64
CA ASP A 36 -6.24 -4.42 13.15
C ASP A 36 -5.75 -4.41 14.60
N GLY A 1 1.25 -2.83 -17.18
CA GLY A 1 1.10 -2.09 -18.45
C GLY A 1 1.28 -0.59 -18.24
N SER A 2 0.28 0.20 -18.61
CA SER A 2 0.22 1.64 -18.35
C SER A 2 0.16 1.95 -16.83
N GLY A 3 -0.32 0.99 -16.04
CA GLY A 3 -0.29 0.98 -14.59
C GLY A 3 -0.26 -0.48 -14.12
N GLN A 4 -0.32 -0.67 -12.80
CA GLN A 4 -0.28 -1.97 -12.14
C GLN A 4 -1.12 -1.86 -10.86
N VAL A 5 -1.89 -2.90 -10.52
CA VAL A 5 -2.78 -2.87 -9.36
C VAL A 5 -2.64 -4.20 -8.62
N ARG A 6 -2.55 -4.08 -7.29
CA ARG A 6 -2.54 -5.17 -6.32
C ARG A 6 -3.14 -4.55 -5.06
N THR A 7 -3.88 -5.32 -4.27
CA THR A 7 -4.42 -4.87 -2.99
C THR A 7 -3.56 -5.48 -1.87
N ILE A 8 -3.40 -4.72 -0.79
CA ILE A 8 -2.61 -5.12 0.38
C ILE A 8 -3.55 -5.58 1.50
N TRP A 9 -3.01 -6.08 2.61
CA TRP A 9 -3.76 -6.37 3.83
C TRP A 9 -2.87 -6.10 5.06
N VAL A 10 -2.19 -4.94 5.06
CA VAL A 10 -1.25 -4.60 6.12
C VAL A 10 -2.02 -4.07 7.33
N GLY A 11 -1.51 -4.36 8.53
CA GLY A 11 -2.09 -3.94 9.80
C GLY A 11 -1.61 -2.54 10.23
N GLY A 12 -1.42 -1.63 9.26
CA GLY A 12 -1.09 -0.23 9.51
C GLY A 12 0.16 -0.04 10.36
N THR A 13 1.21 -0.82 10.12
CA THR A 13 2.48 -0.71 10.83
C THR A 13 3.04 0.69 10.56
N PRO A 14 3.60 1.40 11.56
CA PRO A 14 4.11 2.76 11.39
C PRO A 14 5.09 2.97 10.23
N GLU A 15 5.82 1.93 9.83
CA GLU A 15 6.80 2.00 8.76
C GLU A 15 6.18 1.60 7.42
N GLU A 16 5.19 0.72 7.42
CA GLU A 16 4.47 0.34 6.20
C GLU A 16 3.59 1.50 5.76
N LEU A 17 3.06 2.27 6.73
CA LEU A 17 2.38 3.55 6.50
C LEU A 17 3.30 4.61 5.89
N LYS A 18 4.60 4.32 5.72
CA LYS A 18 5.52 5.18 4.97
C LYS A 18 5.89 4.49 3.66
N LYS A 19 6.43 3.26 3.74
CA LYS A 19 6.94 2.54 2.57
C LYS A 19 5.82 2.27 1.57
N LEU A 20 4.69 1.73 2.02
CA LEU A 20 3.60 1.39 1.11
C LEU A 20 2.85 2.65 0.70
N LYS A 21 2.81 3.69 1.53
CA LYS A 21 2.26 4.99 1.13
C LYS A 21 3.09 5.58 -0.02
N GLU A 22 4.42 5.46 0.03
CA GLU A 22 5.28 5.86 -1.06
C GLU A 22 4.99 4.99 -2.29
N GLU A 23 4.84 3.67 -2.12
CA GLU A 23 4.47 2.74 -3.19
C GLU A 23 3.13 3.16 -3.83
N ALA A 24 2.18 3.67 -3.05
CA ALA A 24 0.88 4.15 -3.53
C ALA A 24 0.99 5.40 -4.43
N LYS A 25 2.15 6.07 -4.43
CA LYS A 25 2.45 7.18 -5.33
C LYS A 25 3.42 6.71 -6.43
N LYS A 26 4.33 5.78 -6.13
CA LYS A 26 5.27 5.24 -7.10
C LYS A 26 4.54 4.42 -8.17
N ALA A 27 3.51 3.68 -7.75
CA ALA A 27 2.73 2.77 -8.56
C ALA A 27 1.24 2.98 -8.23
N ASN A 28 0.36 2.48 -9.10
CA ASN A 28 -1.08 2.68 -9.02
C ASN A 28 -1.77 1.72 -8.04
N ILE A 29 -0.99 0.92 -7.31
CA ILE A 29 -1.48 -0.16 -6.46
C ILE A 29 -2.44 0.34 -5.35
N ARG A 30 -3.30 -0.57 -4.86
CA ARG A 30 -4.43 -0.26 -3.99
C ARG A 30 -4.06 -0.54 -2.54
N VAL A 31 -3.36 0.41 -1.93
CA VAL A 31 -3.14 0.35 -0.50
C VAL A 31 -4.47 0.44 0.23
N THR A 32 -4.63 -0.35 1.28
CA THR A 32 -5.75 -0.36 2.21
C THR A 32 -5.11 -0.72 3.56
N PHE A 33 -5.28 0.14 4.56
CA PHE A 33 -4.55 0.04 5.82
C PHE A 33 -5.55 -0.31 6.92
N TRP A 34 -5.47 -1.51 7.49
CA TRP A 34 -6.28 -1.91 8.63
C TRP A 34 -5.64 -1.40 9.91
N GLY A 35 -6.47 -1.05 10.91
CA GLY A 35 -5.98 -0.77 12.25
C GLY A 35 -5.52 -2.08 12.92
N ASP A 36 -6.29 -3.15 12.71
CA ASP A 36 -5.97 -4.53 13.06
C ASP A 36 -6.88 -5.43 12.25
#